data_6XXY
#
_entry.id   6XXY
#
_cell.length_a   116.936
_cell.length_b   116.936
_cell.length_c   92.370
_cell.angle_alpha   90.000
_cell.angle_beta   90.000
_cell.angle_gamma   120.000
#
_symmetry.space_group_name_H-M   'P 63'
#
loop_
_entity.id
_entity.type
_entity.pdbx_description
1 polymer '3-isopropylmalate dehydrogenase'
2 non-polymer NICOTINAMIDE-ADENINE-DINUCLEOTIDE
3 non-polymer 'MAGNESIUM ION'
4 non-polymer '2-(2-methylprop-2-enoxyamino)-2-oxidanylidene-ethanoic acid'
5 water water
#
_entity_poly.entity_id   1
_entity_poly.type   'polypeptide(L)'
_entity_poly.pdbx_seq_one_letter_code
;MESYNIAVLAGDGIGPEVMAEAIKVLNRVQEKFGFKLNFNEFFVGGAAIEHCGYPLPAETLKGCDQADAILFGSVGGPKW
TNLPPDQQPERGALLPLRKHFKLFCNLRPATLYKGLEKFCPLRADIAAKGFDMVVVRELTGGIYFGQPKGREGDGVQTKA
FDTEVYYKYEIERIARAAFEAAMKRNKKVTSVDKANVLQSSILWRETVTEMAKDYPEVTLEHIYIDNATMQLIKSPESFD
VLLCSNIFGDIISDEAAMITGSMGMLPSASLNEEGFGLYEPAGGSAPDIAGKGIANPIAQILSAAMMLRYSFNLNEAADA
IESAVQKVLASGHRTADLADDSTPVSTAEMGTLITQAI
;
_entity_poly.pdbx_strand_id   A,B
#
loop_
_chem_comp.id
_chem_comp.type
_chem_comp.name
_chem_comp.formula
MG non-polymer 'MAGNESIUM ION' 'Mg 2'
NAD non-polymer NICOTINAMIDE-ADENINE-DINUCLEOTIDE 'C21 H27 N7 O14 P2'
O45 non-polymer '2-(2-methylprop-2-enoxyamino)-2-oxidanylidene-ethanoic acid' 'C6 H9 N O4'
#
# COMPACT_ATOMS: atom_id res chain seq x y z
N MET A 1 -30.26 14.58 -34.34
CA MET A 1 -29.78 14.21 -33.02
C MET A 1 -28.44 14.85 -32.72
N GLU A 2 -28.40 15.65 -31.65
CA GLU A 2 -27.15 16.28 -31.26
C GLU A 2 -26.23 15.29 -30.57
N SER A 3 -24.97 15.35 -30.95
CA SER A 3 -23.99 14.45 -30.38
C SER A 3 -23.45 15.04 -29.08
N TYR A 4 -23.01 14.17 -28.19
CA TYR A 4 -22.11 14.62 -27.15
C TYR A 4 -20.70 14.69 -27.70
N ASN A 5 -19.95 15.66 -27.23
CA ASN A 5 -18.60 15.87 -27.72
C ASN A 5 -17.61 15.21 -26.76
N ILE A 6 -16.91 14.19 -27.25
CA ILE A 6 -15.99 13.39 -26.45
C ILE A 6 -14.57 13.75 -26.87
N ALA A 7 -13.80 14.36 -25.97
CA ALA A 7 -12.35 14.46 -26.18
C ALA A 7 -11.71 13.09 -25.90
N VAL A 8 -11.03 12.53 -26.89
CA VAL A 8 -10.43 11.21 -26.76
C VAL A 8 -8.91 11.40 -26.66
N LEU A 9 -8.35 11.11 -25.50
CA LEU A 9 -6.93 11.33 -25.23
C LEU A 9 -6.31 9.97 -24.91
N ALA A 10 -5.91 9.23 -25.95
CA ALA A 10 -5.51 7.85 -25.77
C ALA A 10 -4.13 7.72 -25.13
N GLY A 11 -3.23 8.66 -25.40
CA GLY A 11 -1.95 8.67 -24.71
C GLY A 11 -0.96 7.63 -25.20
N ASP A 12 -0.26 6.98 -24.27
CA ASP A 12 0.95 6.21 -24.54
C ASP A 12 0.72 4.72 -24.27
N GLY A 13 1.66 3.88 -24.74
CA GLY A 13 1.72 2.50 -24.29
C GLY A 13 0.48 1.76 -24.77
N ILE A 14 -0.19 1.06 -23.86
CA ILE A 14 -1.41 0.34 -24.23
C ILE A 14 -2.60 1.27 -24.47
N GLY A 15 -2.49 2.55 -24.12
CA GLY A 15 -3.59 3.49 -24.26
C GLY A 15 -4.29 3.44 -25.61
N PRO A 16 -3.55 3.64 -26.70
CA PRO A 16 -4.19 3.59 -28.03
C PRO A 16 -4.83 2.25 -28.31
N GLU A 17 -4.23 1.17 -27.79
CA GLU A 17 -4.73 -0.16 -28.07
C GLU A 17 -6.07 -0.38 -27.41
N VAL A 18 -6.17 -0.07 -26.12
CA VAL A 18 -7.43 -0.33 -25.45
C VAL A 18 -8.46 0.75 -25.80
N MET A 19 -8.02 1.97 -26.12
CA MET A 19 -8.98 3.00 -26.49
C MET A 19 -9.70 2.62 -27.78
N ALA A 20 -8.98 1.98 -28.70
CA ALA A 20 -9.61 1.55 -29.94
C ALA A 20 -10.79 0.63 -29.65
N GLU A 21 -10.66 -0.23 -28.64
CA GLU A 21 -11.74 -1.16 -28.35
C GLU A 21 -12.90 -0.46 -27.66
N ALA A 22 -12.61 0.50 -26.77
CA ALA A 22 -13.68 1.28 -26.17
C ALA A 22 -14.46 2.02 -27.25
N ILE A 23 -13.79 2.50 -28.29
CA ILE A 23 -14.50 3.21 -29.35
C ILE A 23 -15.37 2.25 -30.14
N LYS A 24 -14.86 1.03 -30.38
CA LYS A 24 -15.62 0.01 -31.08
C LYS A 24 -16.87 -0.37 -30.30
N VAL A 25 -16.73 -0.63 -29.00
CA VAL A 25 -17.90 -0.90 -28.17
C VAL A 25 -18.87 0.28 -28.19
N LEU A 26 -18.37 1.52 -28.09
CA LEU A 26 -19.25 2.68 -28.02
C LEU A 26 -20.02 2.88 -29.31
N ASN A 27 -19.39 2.60 -30.46
CA ASN A 27 -20.11 2.74 -31.73
C ASN A 27 -21.32 1.82 -31.76
N ARG A 28 -21.16 0.57 -31.33
CA ARG A 28 -22.30 -0.36 -31.30
C ARG A 28 -23.34 0.08 -30.28
N VAL A 29 -22.89 0.56 -29.12
CA VAL A 29 -23.81 1.00 -28.08
C VAL A 29 -24.62 2.19 -28.57
N GLN A 30 -24.01 3.06 -29.36
CA GLN A 30 -24.69 4.20 -29.96
C GLN A 30 -25.82 3.74 -30.87
N GLU A 31 -25.55 2.77 -31.73
CA GLU A 31 -26.59 2.25 -32.62
C GLU A 31 -27.72 1.57 -31.84
N LYS A 32 -27.36 0.64 -30.96
CA LYS A 32 -28.36 -0.13 -30.25
C LYS A 32 -29.20 0.72 -29.28
N PHE A 33 -28.71 1.88 -28.85
CA PHE A 33 -29.43 2.64 -27.85
C PHE A 33 -29.74 4.07 -28.29
N GLY A 34 -29.55 4.41 -29.54
CA GLY A 34 -29.98 5.69 -30.02
C GLY A 34 -29.44 6.90 -29.29
N PHE A 35 -28.13 7.12 -29.42
CA PHE A 35 -27.50 8.38 -29.03
C PHE A 35 -26.25 8.51 -29.87
N LYS A 36 -25.71 9.73 -29.94
CA LYS A 36 -24.59 9.97 -30.83
C LYS A 36 -23.45 10.60 -30.05
N LEU A 37 -22.25 10.03 -30.23
CA LEU A 37 -21.04 10.62 -29.67
C LEU A 37 -20.16 11.11 -30.80
N ASN A 38 -19.59 12.27 -30.60
CA ASN A 38 -18.71 12.89 -31.57
C ASN A 38 -17.30 12.80 -30.99
N PHE A 39 -16.52 11.85 -31.50
CA PHE A 39 -15.18 11.62 -30.98
C PHE A 39 -14.22 12.63 -31.60
N ASN A 40 -13.52 13.39 -30.76
CA ASN A 40 -12.45 14.28 -31.20
C ASN A 40 -11.17 13.85 -30.51
N GLU A 41 -10.20 13.40 -31.30
CA GLU A 41 -8.98 12.81 -30.76
C GLU A 41 -7.89 13.86 -30.63
N PHE A 42 -7.13 13.77 -29.53
CA PHE A 42 -6.08 14.73 -29.23
C PHE A 42 -4.88 13.97 -28.69
N PHE A 43 -3.68 14.51 -28.96
CA PHE A 43 -2.45 13.95 -28.42
C PHE A 43 -2.27 14.43 -26.99
N VAL A 44 -1.81 13.52 -26.14
CA VAL A 44 -1.51 13.86 -24.75
C VAL A 44 -0.33 13.01 -24.30
N GLY A 45 0.43 13.53 -23.35
CA GLY A 45 1.49 12.72 -22.75
C GLY A 45 2.67 12.50 -23.69
N GLY A 46 3.25 11.31 -23.63
CA GLY A 46 4.40 11.02 -24.46
C GLY A 46 4.10 11.20 -25.94
N ALA A 47 2.92 10.77 -26.36
CA ALA A 47 2.54 10.96 -27.76
C ALA A 47 2.52 12.44 -28.13
N ALA A 48 2.01 13.29 -27.23
CA ALA A 48 2.01 14.73 -27.52
C ALA A 48 3.43 15.28 -27.54
N ILE A 49 4.28 14.83 -26.61
CA ILE A 49 5.69 15.21 -26.62
C ILE A 49 6.31 14.95 -27.99
N GLU A 50 6.09 13.75 -28.52
CA GLU A 50 6.68 13.36 -29.81
C GLU A 50 6.10 14.18 -30.96
N HIS A 51 4.89 14.69 -30.81
CA HIS A 51 4.29 15.47 -31.88
C HIS A 51 4.53 16.97 -31.74
N CYS A 52 4.54 17.49 -30.51
CA CYS A 52 4.49 18.93 -30.22
C CYS A 52 5.66 19.44 -29.41
N GLY A 53 6.40 18.56 -28.75
CA GLY A 53 7.31 18.96 -27.70
C GLY A 53 6.65 19.25 -26.37
N TYR A 54 5.35 19.01 -26.23
CA TYR A 54 4.61 19.35 -25.02
C TYR A 54 3.68 18.21 -24.62
N PRO A 55 3.68 17.79 -23.34
CA PRO A 55 2.81 16.68 -22.94
C PRO A 55 1.34 17.05 -22.92
N LEU A 56 1.02 18.33 -22.76
CA LEU A 56 -0.37 18.80 -22.77
C LEU A 56 -0.43 19.99 -23.73
N PRO A 57 -0.55 19.71 -25.03
CA PRO A 57 -0.60 20.80 -26.00
C PRO A 57 -1.79 21.71 -25.73
N ALA A 58 -1.66 22.99 -26.12
CA ALA A 58 -2.78 23.91 -25.98
C ALA A 58 -3.98 23.42 -26.79
N GLU A 59 -3.73 22.87 -27.97
CA GLU A 59 -4.79 22.29 -28.78
C GLU A 59 -5.54 21.20 -28.02
N THR A 60 -4.82 20.36 -27.30
CA THR A 60 -5.48 19.30 -26.55
C THR A 60 -6.29 19.87 -25.40
N LEU A 61 -5.75 20.85 -24.69
CA LEU A 61 -6.49 21.41 -23.57
C LEU A 61 -7.73 22.16 -24.04
N LYS A 62 -7.60 22.92 -25.14
CA LYS A 62 -8.78 23.45 -25.84
C LYS A 62 -9.81 22.36 -26.15
N GLY A 63 -9.35 21.27 -26.76
CA GLY A 63 -10.27 20.20 -27.08
C GLY A 63 -11.07 19.74 -25.86
N CYS A 64 -10.38 19.59 -24.72
CA CYS A 64 -11.05 19.16 -23.49
C CYS A 64 -11.96 20.25 -22.94
N ASP A 65 -11.51 21.51 -23.00
CA ASP A 65 -12.36 22.63 -22.59
C ASP A 65 -13.67 22.62 -23.35
N GLN A 66 -13.62 22.24 -24.63
CA GLN A 66 -14.79 22.24 -25.50
C GLN A 66 -15.62 20.96 -25.41
N ALA A 67 -15.22 19.97 -24.60
CA ALA A 67 -15.86 18.67 -24.64
C ALA A 67 -16.95 18.55 -23.57
N ASP A 68 -17.84 17.59 -23.78
CA ASP A 68 -18.83 17.21 -22.78
C ASP A 68 -18.29 16.20 -21.77
N ALA A 69 -17.24 15.46 -22.14
CA ALA A 69 -16.60 14.49 -21.28
C ALA A 69 -15.26 14.15 -21.93
N ILE A 70 -14.35 13.59 -21.12
CA ILE A 70 -13.03 13.22 -21.60
C ILE A 70 -12.87 11.73 -21.44
N LEU A 71 -12.53 11.04 -22.53
CA LEU A 71 -12.23 9.62 -22.50
C LEU A 71 -10.72 9.49 -22.64
N PHE A 72 -10.08 9.02 -21.59
CA PHE A 72 -8.65 9.10 -21.42
C PHE A 72 -8.08 7.69 -21.34
N GLY A 73 -6.93 7.46 -21.97
CA GLY A 73 -6.25 6.19 -21.85
C GLY A 73 -5.24 6.20 -20.71
N SER A 74 -3.96 6.31 -21.03
CA SER A 74 -2.93 6.38 -19.99
C SER A 74 -1.69 7.03 -20.57
N VAL A 75 -0.84 7.57 -19.68
CA VAL A 75 0.34 8.29 -20.15
C VAL A 75 1.59 7.82 -19.42
N GLY A 76 2.73 8.00 -20.07
CA GLY A 76 4.02 7.78 -19.47
C GLY A 76 4.70 6.53 -20.03
N GLY A 77 6.00 6.45 -19.78
CA GLY A 77 6.77 5.28 -20.14
C GLY A 77 8.27 5.53 -20.17
N PRO A 78 9.02 4.47 -20.44
CA PRO A 78 10.49 4.56 -20.35
C PRO A 78 11.10 5.62 -21.28
N LYS A 79 10.56 5.81 -22.47
CA LYS A 79 11.07 6.83 -23.39
C LYS A 79 11.20 8.19 -22.76
N TRP A 80 10.49 8.47 -21.66
CA TRP A 80 10.48 9.81 -21.12
C TRP A 80 11.10 9.92 -19.73
N THR A 81 11.84 8.90 -19.30
CA THR A 81 12.43 8.91 -17.97
C THR A 81 13.36 10.11 -17.76
N ASN A 82 14.09 10.52 -18.79
CA ASN A 82 15.18 11.47 -18.62
C ASN A 82 14.78 12.90 -18.92
N LEU A 83 13.49 13.18 -19.04
CA LEU A 83 13.04 14.53 -19.26
C LEU A 83 13.01 15.28 -17.94
N PRO A 84 13.03 16.61 -17.96
CA PRO A 84 12.85 17.36 -16.73
C PRO A 84 11.52 16.98 -16.09
N PRO A 85 11.45 16.93 -14.76
CA PRO A 85 10.20 16.53 -14.09
C PRO A 85 8.94 17.17 -14.67
N ASP A 86 8.92 18.47 -14.98
CA ASP A 86 7.68 19.09 -15.44
C ASP A 86 7.34 18.82 -16.91
N GLN A 87 8.23 18.20 -17.68
CA GLN A 87 7.89 17.92 -19.07
C GLN A 87 7.37 16.50 -19.24
N GLN A 88 7.41 15.71 -18.20
CA GLN A 88 7.08 14.30 -18.30
C GLN A 88 5.56 14.13 -18.43
N PRO A 89 5.11 13.00 -18.97
CA PRO A 89 3.68 12.87 -19.26
C PRO A 89 2.80 12.98 -18.03
N GLU A 90 3.27 12.49 -16.87
CA GLU A 90 2.42 12.39 -15.68
C GLU A 90 2.29 13.74 -14.97
N ARG A 91 3.43 14.36 -14.59
CA ARG A 91 3.36 15.70 -14.02
C ARG A 91 3.00 16.74 -15.08
N GLY A 92 3.32 16.49 -16.34
CA GLY A 92 3.11 17.51 -17.33
C GLY A 92 1.76 17.50 -18.00
N ALA A 93 1.00 16.40 -17.84
CA ALA A 93 -0.26 16.29 -18.56
C ALA A 93 -1.42 15.79 -17.68
N LEU A 94 -1.26 14.63 -17.02
CA LEU A 94 -2.38 14.04 -16.29
C LEU A 94 -2.73 14.83 -15.04
N LEU A 95 -1.75 15.07 -14.17
CA LEU A 95 -2.01 15.90 -12.99
C LEU A 95 -2.53 17.28 -13.36
N PRO A 96 -1.97 17.99 -14.34
CA PRO A 96 -2.55 19.29 -14.73
C PRO A 96 -3.98 19.18 -15.22
N LEU A 97 -4.30 18.16 -16.01
CA LEU A 97 -5.67 17.96 -16.46
C LEU A 97 -6.62 17.80 -15.29
N ARG A 98 -6.29 16.91 -14.35
CA ARG A 98 -7.12 16.72 -13.17
C ARG A 98 -7.30 18.05 -12.43
N LYS A 99 -6.22 18.81 -12.30
CA LYS A 99 -6.25 20.04 -11.53
C LYS A 99 -7.02 21.13 -12.28
N HIS A 100 -6.80 21.24 -13.58
CA HIS A 100 -7.45 22.27 -14.38
C HIS A 100 -8.96 22.15 -14.36
N PHE A 101 -9.48 20.92 -14.44
CA PHE A 101 -10.92 20.72 -14.42
C PHE A 101 -11.45 20.47 -13.02
N LYS A 102 -10.58 20.56 -12.01
CA LYS A 102 -10.97 20.46 -10.60
C LYS A 102 -11.66 19.13 -10.30
N LEU A 103 -11.07 18.05 -10.82
CA LEU A 103 -11.66 16.71 -10.78
C LEU A 103 -11.35 16.05 -9.44
N PHE A 104 -11.96 16.58 -8.37
CA PHE A 104 -11.56 16.19 -7.03
C PHE A 104 -11.99 14.77 -6.66
N CYS A 105 -12.97 14.20 -7.35
CA CYS A 105 -13.60 12.95 -6.89
C CYS A 105 -13.23 11.81 -7.85
N ASN A 106 -12.41 10.89 -7.39
CA ASN A 106 -11.99 9.75 -8.20
C ASN A 106 -12.74 8.50 -7.72
N LEU A 107 -13.42 7.84 -8.64
CA LEU A 107 -14.23 6.66 -8.33
C LEU A 107 -13.63 5.45 -9.04
N ARG A 108 -13.23 4.44 -8.27
CA ARG A 108 -12.70 3.21 -8.84
C ARG A 108 -13.49 2.00 -8.34
N PRO A 109 -14.47 1.48 -9.13
CA PRO A 109 -15.31 0.37 -8.66
C PRO A 109 -14.69 -1.00 -8.96
N ALA A 110 -14.26 -1.68 -7.92
CA ALA A 110 -13.56 -2.97 -8.03
C ALA A 110 -14.55 -4.06 -7.65
N THR A 111 -14.81 -4.98 -8.57
CA THR A 111 -15.70 -6.08 -8.27
C THR A 111 -15.20 -7.38 -8.88
N LEU A 112 -15.31 -8.44 -8.10
CA LEU A 112 -15.01 -9.79 -8.55
C LEU A 112 -16.30 -10.37 -9.10
N TYR A 113 -16.33 -10.65 -10.38
CA TYR A 113 -17.56 -11.07 -11.02
C TYR A 113 -17.94 -12.48 -10.57
N LYS A 114 -19.22 -12.66 -10.23
CA LYS A 114 -19.74 -13.95 -9.77
C LYS A 114 -19.46 -15.04 -10.79
N GLY A 115 -18.62 -16.00 -10.41
CA GLY A 115 -18.21 -17.09 -11.27
C GLY A 115 -16.79 -16.99 -11.76
N LEU A 116 -16.15 -15.83 -11.63
CA LEU A 116 -14.80 -15.62 -12.12
C LEU A 116 -13.75 -15.75 -11.02
N GLU A 117 -14.09 -16.41 -9.91
CA GLU A 117 -13.18 -16.51 -8.78
C GLU A 117 -11.84 -17.15 -9.15
N LYS A 118 -11.79 -17.97 -10.21
CA LYS A 118 -10.49 -18.48 -10.63
C LYS A 118 -9.58 -17.34 -11.08
N PHE A 119 -10.16 -16.20 -11.46
CA PHE A 119 -9.35 -15.03 -11.80
C PHE A 119 -8.76 -14.37 -10.55
N CYS A 120 -9.48 -14.40 -9.42
CA CYS A 120 -9.01 -13.74 -8.21
C CYS A 120 -7.76 -14.43 -7.65
N PRO A 121 -6.70 -13.70 -7.34
CA PRO A 121 -5.49 -14.31 -6.81
C PRO A 121 -5.51 -14.57 -5.31
N LEU A 122 -6.65 -14.42 -4.65
CA LEU A 122 -6.74 -14.80 -3.24
C LEU A 122 -7.06 -16.30 -3.13
N ARG A 123 -6.81 -16.87 -1.96
CA ARG A 123 -7.13 -18.28 -1.75
C ARG A 123 -8.61 -18.53 -2.06
N ALA A 124 -8.90 -19.73 -2.60
CA ALA A 124 -10.24 -19.99 -3.15
C ALA A 124 -11.35 -19.73 -2.14
N ASP A 125 -11.14 -20.11 -0.88
CA ASP A 125 -12.21 -19.92 0.10
C ASP A 125 -12.42 -18.44 0.41
N ILE A 126 -11.35 -17.66 0.43
CA ILE A 126 -11.49 -16.21 0.59
C ILE A 126 -12.19 -15.61 -0.62
N ALA A 127 -11.75 -16.00 -1.82
CA ALA A 127 -12.35 -15.47 -3.03
C ALA A 127 -13.82 -15.84 -3.13
N ALA A 128 -14.23 -16.94 -2.51
CA ALA A 128 -15.62 -17.33 -2.54
C ALA A 128 -16.51 -16.33 -1.82
N LYS A 129 -16.01 -15.68 -0.77
CA LYS A 129 -16.84 -14.74 -0.02
C LYS A 129 -17.26 -13.54 -0.86
N GLY A 130 -16.58 -13.27 -1.96
CA GLY A 130 -16.98 -12.20 -2.85
C GLY A 130 -16.25 -10.90 -2.57
N PHE A 131 -16.40 -9.96 -3.50
CA PHE A 131 -15.65 -8.70 -3.43
C PHE A 131 -16.37 -7.70 -4.30
N ASP A 132 -16.80 -6.59 -3.70
CA ASP A 132 -17.52 -5.57 -4.46
C ASP A 132 -17.41 -4.28 -3.64
N MET A 133 -16.51 -3.39 -4.05
CA MET A 133 -16.22 -2.18 -3.31
C MET A 133 -15.89 -1.08 -4.31
N VAL A 134 -15.89 0.15 -3.83
CA VAL A 134 -15.53 1.28 -4.66
C VAL A 134 -14.60 2.17 -3.87
N VAL A 135 -13.44 2.47 -4.45
CA VAL A 135 -12.53 3.41 -3.82
C VAL A 135 -13.01 4.81 -4.17
N VAL A 136 -13.20 5.64 -3.17
CA VAL A 136 -13.55 7.03 -3.37
C VAL A 136 -12.32 7.82 -2.93
N ARG A 137 -11.58 8.34 -3.91
CA ARG A 137 -10.23 8.85 -3.72
C ARG A 137 -10.18 10.35 -3.99
N GLU A 138 -9.69 11.11 -3.02
CA GLU A 138 -9.50 12.54 -3.23
C GLU A 138 -8.44 12.76 -4.31
N LEU A 139 -8.75 13.53 -5.36
CA LEU A 139 -7.88 13.49 -6.54
C LEU A 139 -7.13 14.78 -6.86
N THR A 140 -7.47 15.93 -6.26
CA THR A 140 -6.85 17.19 -6.66
C THR A 140 -6.09 17.86 -5.52
N GLY A 141 -5.93 17.20 -4.38
CA GLY A 141 -5.21 17.78 -3.27
C GLY A 141 -4.14 16.87 -2.70
N GLY A 142 -3.68 17.15 -1.49
CA GLY A 142 -2.71 16.25 -0.90
C GLY A 142 -1.32 16.33 -1.50
N ILE A 143 -0.53 15.30 -1.20
CA ILE A 143 0.91 15.38 -1.47
C ILE A 143 1.18 15.51 -2.98
N TYR A 144 0.31 14.99 -3.83
CA TYR A 144 0.58 15.07 -5.27
C TYR A 144 0.47 16.49 -5.80
N PHE A 145 -0.14 17.40 -5.06
CA PHE A 145 -0.21 18.79 -5.48
C PHE A 145 0.33 19.77 -4.45
N GLY A 146 0.65 19.33 -3.24
CA GLY A 146 0.99 20.27 -2.18
C GLY A 146 2.24 21.08 -2.52
N GLN A 147 2.28 22.29 -1.98
CA GLN A 147 3.49 23.08 -1.90
C GLN A 147 3.83 23.33 -0.43
N PRO A 148 5.11 23.47 -0.08
CA PRO A 148 6.21 23.48 -1.03
C PRO A 148 6.60 22.11 -1.51
N LYS A 149 7.15 22.06 -2.70
CA LYS A 149 7.73 20.81 -3.17
C LYS A 149 8.90 21.16 -4.08
N GLY A 150 9.93 20.32 -4.04
CA GLY A 150 11.10 20.59 -4.81
C GLY A 150 12.34 19.96 -4.21
N ARG A 151 13.47 20.62 -4.49
CA ARG A 151 14.78 20.10 -4.14
C ARG A 151 15.72 21.27 -3.87
N GLU A 152 16.52 21.15 -2.82
CA GLU A 152 17.42 22.20 -2.39
C GLU A 152 18.73 21.57 -1.92
N GLY A 153 19.80 22.38 -1.94
CA GLY A 153 21.08 21.95 -1.46
C GLY A 153 21.87 21.17 -2.49
N ASP A 154 23.05 20.70 -2.07
CA ASP A 154 23.89 19.91 -2.95
C ASP A 154 24.65 18.87 -2.13
N GLY A 155 25.36 18.01 -2.84
CA GLY A 155 26.10 16.95 -2.21
C GLY A 155 25.18 16.05 -1.40
N VAL A 156 25.71 15.54 -0.29
CA VAL A 156 24.91 14.72 0.61
C VAL A 156 23.88 15.52 1.36
N GLN A 157 23.99 16.86 1.35
CA GLN A 157 22.99 17.72 1.98
C GLN A 157 21.82 18.07 1.05
N THR A 158 21.84 17.61 -0.20
CA THR A 158 20.66 17.72 -1.04
C THR A 158 19.44 17.19 -0.30
N LYS A 159 18.36 17.99 -0.26
CA LYS A 159 17.09 17.51 0.25
C LYS A 159 16.02 17.68 -0.83
N ALA A 160 15.11 16.71 -0.91
CA ALA A 160 13.92 16.82 -1.75
C ALA A 160 12.68 16.55 -0.91
N PHE A 161 11.59 17.24 -1.25
CA PHE A 161 10.46 17.35 -0.33
C PHE A 161 9.16 17.49 -1.12
N ASP A 162 8.09 16.97 -0.51
CA ASP A 162 6.73 17.08 -0.99
C ASP A 162 5.86 17.26 0.24
N THR A 163 4.75 17.98 0.11
CA THR A 163 3.92 18.34 1.25
C THR A 163 2.56 17.69 1.13
N GLU A 164 2.24 16.80 2.07
CA GLU A 164 0.91 16.23 2.17
C GLU A 164 0.11 17.22 3.00
N VAL A 165 -0.65 18.07 2.31
CA VAL A 165 -1.42 19.12 2.96
C VAL A 165 -2.86 18.96 2.52
N TYR A 166 -3.78 19.03 3.47
CA TYR A 166 -5.20 19.11 3.17
C TYR A 166 -5.84 20.29 3.86
N TYR A 167 -6.73 20.96 3.14
CA TYR A 167 -7.66 21.90 3.72
C TYR A 167 -8.98 21.17 4.03
N LYS A 168 -9.64 21.62 5.09
CA LYS A 168 -10.86 20.95 5.53
C LYS A 168 -11.90 20.88 4.41
N TYR A 169 -12.06 21.96 3.63
CA TYR A 169 -13.08 21.90 2.57
C TYR A 169 -12.80 20.82 1.54
N GLU A 170 -11.51 20.49 1.30
CA GLU A 170 -11.19 19.42 0.36
C GLU A 170 -11.63 18.06 0.91
N ILE A 171 -11.41 17.85 2.20
CA ILE A 171 -11.83 16.60 2.83
C ILE A 171 -13.34 16.52 2.91
N GLU A 172 -14.01 17.66 3.14
CA GLU A 172 -15.46 17.64 3.27
C GLU A 172 -16.11 17.22 1.97
N ARG A 173 -15.67 17.77 0.84
CA ARG A 173 -16.37 17.43 -0.40
C ARG A 173 -16.12 15.98 -0.79
N ILE A 174 -14.91 15.45 -0.57
CA ILE A 174 -14.67 14.05 -0.92
C ILE A 174 -15.39 13.14 0.07
N ALA A 175 -15.46 13.54 1.34
CA ALA A 175 -16.18 12.73 2.32
C ALA A 175 -17.65 12.64 1.95
N ARG A 176 -18.23 13.77 1.55
CA ARG A 176 -19.62 13.79 1.15
C ARG A 176 -19.85 12.84 -0.03
N ALA A 177 -18.95 12.86 -1.02
CA ALA A 177 -19.12 11.95 -2.15
C ALA A 177 -19.08 10.49 -1.69
N ALA A 178 -18.24 10.16 -0.72
CA ALA A 178 -18.17 8.78 -0.26
C ALA A 178 -19.43 8.36 0.48
N PHE A 179 -19.99 9.25 1.33
CA PHE A 179 -21.23 8.93 2.04
C PHE A 179 -22.41 8.82 1.10
N GLU A 180 -22.48 9.69 0.08
CA GLU A 180 -23.54 9.54 -0.93
C GLU A 180 -23.39 8.23 -1.68
N ALA A 181 -22.16 7.86 -2.04
CA ALA A 181 -21.93 6.56 -2.67
C ALA A 181 -22.41 5.44 -1.76
N ALA A 182 -22.03 5.49 -0.48
CA ALA A 182 -22.43 4.45 0.46
C ALA A 182 -23.96 4.34 0.55
N MET A 183 -24.64 5.48 0.50
CA MET A 183 -26.10 5.46 0.56
C MET A 183 -26.72 4.72 -0.62
N LYS A 184 -26.06 4.74 -1.79
CA LYS A 184 -26.57 4.00 -2.92
C LYS A 184 -26.08 2.55 -2.94
N ARG A 185 -25.27 2.14 -1.96
CA ARG A 185 -24.65 0.82 -2.00
C ARG A 185 -25.04 0.07 -0.74
N ASN A 186 -24.09 -0.25 0.12
CA ASN A 186 -24.35 -1.02 1.31
C ASN A 186 -24.13 -0.22 2.59
N LYS A 187 -24.07 1.11 2.47
CA LYS A 187 -24.09 2.02 3.61
C LYS A 187 -22.93 1.77 4.57
N LYS A 188 -21.76 1.44 4.03
CA LYS A 188 -20.56 1.40 4.85
C LYS A 188 -19.46 2.22 4.21
N VAL A 189 -18.89 3.16 4.96
CA VAL A 189 -17.69 3.88 4.55
C VAL A 189 -16.56 3.44 5.46
N THR A 190 -15.49 2.90 4.87
CA THR A 190 -14.25 2.65 5.59
C THR A 190 -13.27 3.74 5.16
N SER A 191 -12.86 4.60 6.09
CA SER A 191 -11.94 5.70 5.81
C SER A 191 -10.51 5.29 6.15
N VAL A 192 -9.59 5.53 5.23
CA VAL A 192 -8.22 5.07 5.39
C VAL A 192 -7.31 6.27 5.65
N ASP A 193 -6.48 6.17 6.69
CA ASP A 193 -5.60 7.30 7.05
C ASP A 193 -4.37 6.76 7.77
N LYS A 194 -3.53 7.68 8.28
CA LYS A 194 -2.47 7.32 9.22
C LYS A 194 -2.48 8.34 10.36
N ALA A 195 -3.64 8.41 11.02
CA ALA A 195 -3.93 9.44 12.02
C ALA A 195 -3.15 9.27 13.31
N ASN A 196 -2.54 8.11 13.56
CA ASN A 196 -1.66 7.99 14.70
C ASN A 196 -0.30 8.66 14.50
N VAL A 197 -0.02 9.18 13.30
CA VAL A 197 1.26 9.85 13.04
C VAL A 197 1.09 11.21 12.34
N LEU A 198 0.30 11.26 11.27
CA LEU A 198 0.25 12.42 10.39
C LEU A 198 -0.75 13.45 10.86
N GLN A 199 -0.31 14.71 10.94
CA GLN A 199 -1.27 15.77 11.25
C GLN A 199 -2.36 15.83 10.21
N SER A 200 -2.01 15.68 8.93
CA SER A 200 -3.03 15.76 7.89
C SER A 200 -4.07 14.65 8.06
N SER A 201 -3.66 13.47 8.50
CA SER A 201 -4.62 12.38 8.72
C SER A 201 -5.54 12.67 9.91
N ILE A 202 -5.02 13.33 10.94
CA ILE A 202 -5.89 13.72 12.07
C ILE A 202 -7.02 14.59 11.56
N LEU A 203 -6.69 15.63 10.81
CA LEU A 203 -7.74 16.47 10.25
C LEU A 203 -8.66 15.65 9.36
N TRP A 204 -8.10 14.77 8.54
CA TRP A 204 -8.93 13.90 7.71
C TRP A 204 -9.95 13.15 8.55
N ARG A 205 -9.45 12.43 9.57
CA ARG A 205 -10.33 11.62 10.40
C ARG A 205 -11.37 12.47 11.13
N GLU A 206 -10.94 13.59 11.74
CA GLU A 206 -11.89 14.47 12.41
C GLU A 206 -12.98 14.94 11.45
N THR A 207 -12.59 15.33 10.24
CA THR A 207 -13.55 15.94 9.32
C THR A 207 -14.53 14.89 8.79
N VAL A 208 -14.02 13.71 8.44
CA VAL A 208 -14.87 12.62 8.00
C VAL A 208 -15.85 12.26 9.12
N THR A 209 -15.34 12.09 10.33
CA THR A 209 -16.20 11.82 11.48
C THR A 209 -17.33 12.83 11.60
N GLU A 210 -17.00 14.13 11.51
CA GLU A 210 -18.03 15.15 11.60
C GLU A 210 -19.00 15.06 10.41
N MET A 211 -18.50 14.72 9.22
CA MET A 211 -19.41 14.57 8.10
C MET A 211 -20.38 13.41 8.31
N ALA A 212 -19.97 12.38 9.08
CA ALA A 212 -20.81 11.19 9.27
C ALA A 212 -22.09 11.51 10.04
N LYS A 213 -22.08 12.59 10.82
CA LYS A 213 -23.29 13.04 11.51
C LYS A 213 -24.41 13.36 10.54
N ASP A 214 -24.07 13.69 9.30
CA ASP A 214 -25.08 13.92 8.28
C ASP A 214 -25.64 12.65 7.66
N TYR A 215 -25.14 11.48 8.05
CA TYR A 215 -25.48 10.23 7.39
C TYR A 215 -25.68 9.16 8.45
N PRO A 216 -26.75 9.28 9.23
CA PRO A 216 -26.97 8.31 10.32
C PRO A 216 -27.23 6.92 9.81
N GLU A 217 -27.63 6.79 8.55
CA GLU A 217 -27.83 5.48 7.97
C GLU A 217 -26.54 4.78 7.56
N VAL A 218 -25.36 5.39 7.76
CA VAL A 218 -24.11 4.85 7.24
C VAL A 218 -23.15 4.52 8.36
N THR A 219 -22.53 3.34 8.27
CA THR A 219 -21.45 2.96 9.17
C THR A 219 -20.15 3.62 8.72
N LEU A 220 -19.45 4.22 9.68
CA LEU A 220 -18.14 4.80 9.46
C LEU A 220 -17.14 4.06 10.32
N GLU A 221 -16.14 3.47 9.69
CA GLU A 221 -15.01 2.87 10.37
C GLU A 221 -13.72 3.49 9.85
N HIS A 222 -12.74 3.60 10.74
CA HIS A 222 -11.43 4.18 10.43
C HIS A 222 -10.38 3.10 10.53
N ILE A 223 -9.49 3.05 9.55
CA ILE A 223 -8.45 2.02 9.47
C ILE A 223 -7.16 2.66 8.99
N TYR A 224 -6.04 2.20 9.54
CA TYR A 224 -4.75 2.68 9.11
C TYR A 224 -4.35 2.04 7.78
N ILE A 225 -3.65 2.83 6.97
CA ILE A 225 -3.32 2.43 5.60
C ILE A 225 -2.54 1.12 5.59
N ASP A 226 -1.57 0.95 6.48
CA ASP A 226 -0.83 -0.31 6.47
C ASP A 226 -1.75 -1.50 6.75
N ASN A 227 -2.65 -1.34 7.73
CA ASN A 227 -3.59 -2.41 8.08
C ASN A 227 -4.62 -2.66 6.99
N ALA A 228 -5.09 -1.59 6.32
CA ALA A 228 -6.01 -1.72 5.20
C ALA A 228 -5.46 -2.66 4.13
N THR A 229 -4.16 -2.58 3.91
CA THR A 229 -3.45 -3.43 2.97
C THR A 229 -3.60 -4.91 3.31
N MET A 230 -3.65 -5.24 4.60
CA MET A 230 -3.89 -6.62 5.02
C MET A 230 -5.36 -6.98 4.91
N GLN A 231 -6.24 -6.09 5.36
CA GLN A 231 -7.66 -6.42 5.43
C GLN A 231 -8.26 -6.68 4.05
N LEU A 232 -7.73 -6.07 3.01
CA LEU A 232 -8.24 -6.30 1.66
C LEU A 232 -8.02 -7.75 1.24
N ILE A 233 -6.87 -8.30 1.65
CA ILE A 233 -6.51 -9.69 1.35
C ILE A 233 -7.30 -10.65 2.23
N LYS A 234 -7.34 -10.38 3.54
CA LYS A 234 -7.96 -11.28 4.49
C LYS A 234 -9.49 -11.22 4.42
N SER A 235 -10.07 -10.03 4.25
CA SER A 235 -11.52 -9.85 4.32
C SER A 235 -12.02 -8.89 3.24
N PRO A 236 -11.82 -9.22 1.96
CA PRO A 236 -12.38 -8.40 0.88
C PRO A 236 -13.88 -8.17 0.97
N GLU A 237 -14.62 -9.13 1.51
CA GLU A 237 -16.06 -9.03 1.61
C GLU A 237 -16.51 -7.94 2.56
N SER A 238 -15.63 -7.50 3.46
CA SER A 238 -16.06 -6.55 4.48
C SER A 238 -16.13 -5.12 3.98
N PHE A 239 -15.65 -4.83 2.77
CA PHE A 239 -15.56 -3.44 2.30
C PHE A 239 -16.75 -3.05 1.43
N ASP A 240 -17.19 -1.81 1.57
CA ASP A 240 -18.19 -1.25 0.67
C ASP A 240 -17.65 0.00 -0.04
N VAL A 241 -17.62 1.14 0.64
CA VAL A 241 -16.96 2.34 0.14
C VAL A 241 -15.67 2.53 0.92
N LEU A 242 -14.57 2.75 0.20
CA LEU A 242 -13.27 2.96 0.80
C LEU A 242 -12.86 4.39 0.50
N LEU A 243 -12.91 5.24 1.53
CA LEU A 243 -12.63 6.66 1.42
C LEU A 243 -11.16 6.93 1.70
N CYS A 244 -10.48 7.60 0.77
CA CYS A 244 -9.01 7.67 0.84
C CYS A 244 -8.49 9.02 0.36
N SER A 245 -7.36 9.42 0.93
CA SER A 245 -6.57 10.53 0.39
C SER A 245 -6.11 10.21 -1.04
N ASN A 246 -5.55 11.24 -1.68
CA ASN A 246 -5.00 11.11 -3.02
C ASN A 246 -4.00 9.96 -3.08
N ILE A 247 -2.96 10.02 -2.24
CA ILE A 247 -1.91 9.01 -2.37
C ILE A 247 -2.38 7.66 -1.83
N PHE A 248 -3.14 7.64 -0.73
CA PHE A 248 -3.59 6.35 -0.20
C PHE A 248 -4.57 5.67 -1.14
N GLY A 249 -5.48 6.44 -1.75
CA GLY A 249 -6.36 5.85 -2.75
C GLY A 249 -5.61 5.32 -3.95
N ASP A 250 -4.58 6.04 -4.38
CA ASP A 250 -3.71 5.57 -5.45
C ASP A 250 -3.17 4.20 -5.10
N ILE A 251 -2.64 4.06 -3.89
CA ILE A 251 -1.94 2.84 -3.49
C ILE A 251 -2.91 1.67 -3.36
N ILE A 252 -3.98 1.85 -2.61
CA ILE A 252 -4.85 0.73 -2.30
C ILE A 252 -5.67 0.29 -3.51
N SER A 253 -5.95 1.20 -4.44
CA SER A 253 -6.77 0.82 -5.57
C SER A 253 -6.04 -0.15 -6.51
N ASP A 254 -4.71 -0.11 -6.59
CA ASP A 254 -4.04 -1.14 -7.39
C ASP A 254 -4.19 -2.51 -6.72
N GLU A 255 -4.09 -2.56 -5.39
CA GLU A 255 -4.31 -3.82 -4.70
C GLU A 255 -5.74 -4.31 -4.92
N ALA A 256 -6.72 -3.40 -4.85
CA ALA A 256 -8.10 -3.81 -5.16
C ALA A 256 -8.20 -4.36 -6.57
N ALA A 257 -7.59 -3.68 -7.55
CA ALA A 257 -7.64 -4.16 -8.94
C ALA A 257 -7.09 -5.58 -9.05
N MET A 258 -5.96 -5.84 -8.40
CA MET A 258 -5.34 -7.16 -8.55
C MET A 258 -6.25 -8.26 -8.03
N ILE A 259 -6.91 -8.03 -6.89
CA ILE A 259 -7.75 -9.09 -6.36
C ILE A 259 -9.01 -9.31 -7.22
N THR A 260 -9.39 -8.35 -8.07
CA THR A 260 -10.43 -8.67 -9.06
C THR A 260 -9.87 -9.49 -10.21
N GLY A 261 -8.56 -9.77 -10.20
CA GLY A 261 -7.92 -10.63 -11.19
C GLY A 261 -6.88 -9.94 -12.03
N SER A 262 -6.91 -8.61 -12.13
CA SER A 262 -5.94 -7.94 -13.00
C SER A 262 -6.08 -6.43 -12.96
N MET A 263 -4.95 -5.72 -13.11
CA MET A 263 -4.98 -4.28 -13.26
C MET A 263 -5.88 -3.89 -14.42
N GLY A 264 -6.00 -4.76 -15.40
CA GLY A 264 -6.78 -4.52 -16.60
C GLY A 264 -8.27 -4.56 -16.42
N MET A 265 -8.76 -4.84 -15.22
CA MET A 265 -10.19 -4.90 -14.95
C MET A 265 -10.76 -3.62 -14.35
N LEU A 266 -9.94 -2.67 -13.90
CA LEU A 266 -10.45 -1.65 -13.00
C LEU A 266 -10.66 -0.32 -13.72
N PRO A 267 -11.90 0.13 -13.92
CA PRO A 267 -12.10 1.42 -14.60
C PRO A 267 -12.12 2.56 -13.58
N SER A 268 -12.22 3.81 -14.03
CA SER A 268 -12.32 4.92 -13.07
C SER A 268 -13.04 6.09 -13.70
N ALA A 269 -13.60 6.92 -12.83
CA ALA A 269 -14.24 8.18 -13.17
C ALA A 269 -13.64 9.26 -12.31
N SER A 270 -13.38 10.42 -12.90
CA SER A 270 -12.88 11.59 -12.19
C SER A 270 -13.82 12.75 -12.49
N LEU A 271 -14.49 13.26 -11.45
CA LEU A 271 -15.60 14.19 -11.57
C LEU A 271 -15.31 15.46 -10.80
N ASN A 272 -15.74 16.62 -11.33
CA ASN A 272 -15.73 17.85 -10.53
C ASN A 272 -17.12 18.12 -9.94
N GLU A 273 -17.20 19.18 -9.14
CA GLU A 273 -18.44 19.47 -8.42
C GLU A 273 -19.59 19.75 -9.37
N GLU A 274 -19.31 20.08 -10.62
CA GLU A 274 -20.36 20.29 -11.62
C GLU A 274 -20.68 19.04 -12.42
N GLY A 275 -20.09 17.89 -12.08
CA GLY A 275 -20.40 16.64 -12.77
C GLY A 275 -19.69 16.43 -14.10
N PHE A 276 -18.78 17.31 -14.49
CA PHE A 276 -17.97 17.04 -15.67
C PHE A 276 -16.94 15.95 -15.34
N GLY A 277 -16.65 15.07 -16.30
CA GLY A 277 -15.91 13.86 -16.00
C GLY A 277 -14.78 13.52 -16.96
N LEU A 278 -13.73 12.93 -16.39
CA LEU A 278 -12.68 12.28 -17.16
C LEU A 278 -12.68 10.81 -16.77
N TYR A 279 -12.68 9.92 -17.76
CA TYR A 279 -12.85 8.48 -17.54
C TYR A 279 -11.65 7.74 -18.10
N GLU A 280 -11.01 6.93 -17.27
CA GLU A 280 -9.78 6.28 -17.70
C GLU A 280 -9.62 4.99 -16.91
N PRO A 281 -8.87 4.02 -17.44
CA PRO A 281 -8.46 2.90 -16.61
C PRO A 281 -7.73 3.40 -15.39
N ALA A 282 -7.90 2.69 -14.27
CA ALA A 282 -7.17 3.07 -13.07
C ALA A 282 -5.67 2.82 -13.20
N GLY A 283 -5.25 1.91 -14.09
CA GLY A 283 -3.84 1.56 -14.24
C GLY A 283 -3.11 2.45 -15.24
N GLY A 284 -1.83 2.12 -15.47
CA GLY A 284 -0.95 2.92 -16.30
C GLY A 284 -0.90 2.44 -17.72
N SER A 285 0.18 2.81 -18.41
CA SER A 285 0.35 2.50 -19.82
C SER A 285 1.00 1.15 -20.09
N ALA A 286 1.28 0.35 -19.05
CA ALA A 286 1.72 -1.02 -19.21
C ALA A 286 2.83 -1.18 -20.26
N PRO A 287 3.96 -0.48 -20.08
CA PRO A 287 5.02 -0.51 -21.09
C PRO A 287 5.57 -1.89 -21.38
N ASP A 288 5.54 -2.80 -20.40
CA ASP A 288 6.02 -4.16 -20.64
C ASP A 288 5.22 -4.89 -21.72
N ILE A 289 3.96 -4.53 -21.93
CA ILE A 289 3.15 -5.21 -22.94
C ILE A 289 2.70 -4.29 -24.05
N ALA A 290 2.98 -3.00 -23.96
CA ALA A 290 2.43 -2.05 -24.91
C ALA A 290 2.85 -2.38 -26.33
N GLY A 291 1.94 -2.18 -27.28
CA GLY A 291 2.16 -2.43 -28.69
C GLY A 291 2.05 -3.87 -29.15
N LYS A 292 1.98 -4.83 -28.24
CA LYS A 292 1.88 -6.25 -28.57
C LYS A 292 0.44 -6.73 -28.77
N GLY A 293 -0.54 -5.84 -28.66
CA GLY A 293 -1.94 -6.22 -28.80
C GLY A 293 -2.43 -7.26 -27.82
N ILE A 294 -1.92 -7.28 -26.59
CA ILE A 294 -2.38 -8.26 -25.64
C ILE A 294 -3.09 -7.65 -24.43
N ALA A 295 -2.93 -6.35 -24.19
CA ALA A 295 -3.54 -5.69 -23.05
C ALA A 295 -5.05 -5.94 -22.97
N ASN A 296 -5.52 -6.11 -21.74
CA ASN A 296 -6.95 -6.24 -21.45
C ASN A 296 -7.67 -4.90 -21.66
N PRO A 297 -8.64 -4.81 -22.57
CA PRO A 297 -9.36 -3.55 -22.78
C PRO A 297 -10.55 -3.35 -21.84
N ILE A 298 -10.77 -4.26 -20.90
CA ILE A 298 -11.98 -4.17 -20.09
C ILE A 298 -11.97 -2.89 -19.24
N ALA A 299 -10.84 -2.56 -18.62
CA ALA A 299 -10.84 -1.34 -17.80
C ALA A 299 -11.23 -0.13 -18.64
N GLN A 300 -10.63 0.02 -19.83
CA GLN A 300 -10.99 1.15 -20.69
C GLN A 300 -12.46 1.08 -21.11
N ILE A 301 -12.94 -0.11 -21.48
CA ILE A 301 -14.33 -0.27 -21.90
C ILE A 301 -15.29 0.09 -20.77
N LEU A 302 -15.01 -0.38 -19.54
CA LEU A 302 -15.88 -0.05 -18.43
C LEU A 302 -15.75 1.41 -18.03
N SER A 303 -14.60 2.02 -18.30
CA SER A 303 -14.47 3.46 -18.15
C SER A 303 -15.42 4.21 -19.10
N ALA A 304 -15.53 3.74 -20.35
CA ALA A 304 -16.51 4.34 -21.25
C ALA A 304 -17.92 4.13 -20.73
N ALA A 305 -18.18 2.97 -20.11
CA ALA A 305 -19.49 2.74 -19.50
C ALA A 305 -19.76 3.74 -18.37
N MET A 306 -18.77 4.01 -17.51
CA MET A 306 -18.97 5.01 -16.48
C MET A 306 -19.22 6.39 -17.10
N MET A 307 -18.57 6.68 -18.21
CA MET A 307 -18.81 7.95 -18.88
C MET A 307 -20.29 8.11 -19.20
N LEU A 308 -20.86 7.13 -19.92
CA LEU A 308 -22.28 7.16 -20.26
C LEU A 308 -23.15 7.32 -19.02
N ARG A 309 -22.84 6.58 -17.95
CA ARG A 309 -23.65 6.62 -16.75
C ARG A 309 -23.53 7.96 -16.03
N TYR A 310 -22.30 8.37 -15.71
CA TYR A 310 -22.10 9.52 -14.84
C TYR A 310 -22.23 10.86 -15.58
N SER A 311 -21.76 10.94 -16.83
CA SER A 311 -21.85 12.20 -17.56
C SER A 311 -23.19 12.41 -18.24
N PHE A 312 -23.83 11.32 -18.70
CA PHE A 312 -24.99 11.45 -19.56
C PHE A 312 -26.22 10.68 -19.08
N ASN A 313 -26.18 10.07 -17.88
CA ASN A 313 -27.26 9.25 -17.32
C ASN A 313 -27.84 8.24 -18.30
N LEU A 314 -27.01 7.75 -19.24
CA LEU A 314 -27.42 6.67 -20.15
C LEU A 314 -27.22 5.33 -19.45
N ASN A 315 -28.02 5.11 -18.40
CA ASN A 315 -27.77 3.99 -17.48
C ASN A 315 -28.00 2.64 -18.16
N GLU A 316 -29.01 2.55 -19.02
CA GLU A 316 -29.29 1.29 -19.69
C GLU A 316 -28.16 0.94 -20.63
N ALA A 317 -27.64 1.94 -21.33
CA ALA A 317 -26.49 1.71 -22.20
C ALA A 317 -25.27 1.26 -21.40
N ALA A 318 -25.05 1.85 -20.22
CA ALA A 318 -23.91 1.44 -19.41
C ALA A 318 -24.08 0.04 -18.85
N ASP A 319 -25.30 -0.29 -18.38
CA ASP A 319 -25.60 -1.65 -17.94
C ASP A 319 -25.31 -2.68 -19.04
N ALA A 320 -25.70 -2.37 -20.28
CA ALA A 320 -25.48 -3.34 -21.36
C ALA A 320 -23.99 -3.62 -21.54
N ILE A 321 -23.16 -2.59 -21.44
CA ILE A 321 -21.72 -2.81 -21.59
C ILE A 321 -21.22 -3.73 -20.48
N GLU A 322 -21.61 -3.43 -19.24
CA GLU A 322 -21.20 -4.29 -18.13
C GLU A 322 -21.67 -5.72 -18.34
N SER A 323 -22.90 -5.91 -18.79
CA SER A 323 -23.37 -7.28 -18.97
C SER A 323 -22.65 -7.96 -20.12
N ALA A 324 -22.38 -7.23 -21.20
CA ALA A 324 -21.60 -7.80 -22.31
C ALA A 324 -20.22 -8.24 -21.86
N VAL A 325 -19.56 -7.44 -21.00
CA VAL A 325 -18.27 -7.85 -20.43
C VAL A 325 -18.44 -9.15 -19.65
N GLN A 326 -19.46 -9.23 -18.79
CA GLN A 326 -19.62 -10.41 -17.94
C GLN A 326 -19.93 -11.64 -18.78
N LYS A 327 -20.71 -11.49 -19.84
CA LYS A 327 -21.04 -12.64 -20.69
C LYS A 327 -19.83 -13.15 -21.46
N VAL A 328 -19.00 -12.24 -21.98
CA VAL A 328 -17.80 -12.71 -22.67
C VAL A 328 -16.90 -13.45 -21.70
N LEU A 329 -16.73 -12.91 -20.50
CA LEU A 329 -15.88 -13.61 -19.54
C LEU A 329 -16.52 -14.93 -19.12
N ALA A 330 -17.84 -14.96 -18.92
CA ALA A 330 -18.51 -16.21 -18.57
C ALA A 330 -18.36 -17.25 -19.66
N SER A 331 -18.18 -16.83 -20.90
CA SER A 331 -18.03 -17.73 -22.03
C SER A 331 -16.61 -18.28 -22.17
N GLY A 332 -15.69 -17.90 -21.27
CA GLY A 332 -14.36 -18.47 -21.29
C GLY A 332 -13.33 -17.73 -22.11
N HIS A 333 -13.70 -16.64 -22.78
CA HIS A 333 -12.71 -15.83 -23.47
C HIS A 333 -11.93 -15.01 -22.44
N ARG A 334 -10.62 -14.94 -22.64
CA ARG A 334 -9.82 -14.12 -21.75
C ARG A 334 -8.54 -13.63 -22.42
N THR A 335 -8.16 -12.41 -22.10
CA THR A 335 -6.85 -11.91 -22.47
C THR A 335 -5.80 -12.58 -21.58
N ALA A 336 -4.52 -12.39 -21.95
CA ALA A 336 -3.45 -13.15 -21.32
C ALA A 336 -3.33 -12.85 -19.82
N ASP A 337 -3.76 -11.67 -19.37
CA ASP A 337 -3.64 -11.33 -17.95
C ASP A 337 -4.59 -12.12 -17.08
N LEU A 338 -5.67 -12.66 -17.64
CA LEU A 338 -6.69 -13.29 -16.82
C LEU A 338 -6.34 -14.76 -16.69
N ALA A 339 -5.91 -15.15 -15.47
CA ALA A 339 -5.30 -16.46 -15.22
C ALA A 339 -6.15 -17.59 -15.81
N ASP A 340 -5.57 -18.32 -16.77
CA ASP A 340 -6.18 -19.51 -17.37
C ASP A 340 -5.21 -20.19 -18.34
N ASP A 341 -5.27 -21.53 -18.42
CA ASP A 341 -4.45 -22.32 -19.35
C ASP A 341 -5.22 -22.60 -20.65
N SER A 342 -5.59 -21.51 -21.32
CA SER A 342 -6.22 -21.54 -22.63
C SER A 342 -5.48 -20.55 -23.51
N THR A 343 -5.66 -20.65 -24.81
CA THR A 343 -5.02 -19.70 -25.70
C THR A 343 -5.69 -18.34 -25.53
N PRO A 344 -4.98 -17.28 -25.14
CA PRO A 344 -5.65 -16.00 -24.86
C PRO A 344 -6.08 -15.30 -26.14
N VAL A 345 -7.18 -14.55 -26.06
CA VAL A 345 -7.55 -13.68 -27.17
C VAL A 345 -6.74 -12.38 -27.09
N SER A 346 -6.58 -11.75 -28.25
CA SER A 346 -5.89 -10.48 -28.34
C SER A 346 -6.79 -9.34 -27.83
N THR A 347 -6.19 -8.16 -27.75
CA THR A 347 -6.93 -6.95 -27.39
C THR A 347 -8.09 -6.71 -28.34
N ALA A 348 -7.82 -6.75 -29.64
CA ALA A 348 -8.85 -6.46 -30.63
C ALA A 348 -9.91 -7.55 -30.66
N GLU A 349 -9.53 -8.82 -30.43
CA GLU A 349 -10.53 -9.87 -30.27
C GLU A 349 -11.45 -9.63 -29.06
N MET A 350 -10.87 -9.28 -27.92
CA MET A 350 -11.71 -9.04 -26.74
C MET A 350 -12.69 -7.90 -27.00
N GLY A 351 -12.22 -6.83 -27.63
CA GLY A 351 -13.12 -5.74 -27.98
C GLY A 351 -14.23 -6.20 -28.90
N THR A 352 -13.88 -6.96 -29.93
CA THR A 352 -14.88 -7.45 -30.87
C THR A 352 -15.90 -8.36 -30.16
N LEU A 353 -15.43 -9.25 -29.29
CA LEU A 353 -16.34 -10.14 -28.57
C LEU A 353 -17.27 -9.35 -27.65
N ILE A 354 -16.74 -8.34 -26.97
CA ILE A 354 -17.61 -7.52 -26.14
C ILE A 354 -18.60 -6.77 -27.01
N THR A 355 -18.13 -6.22 -28.12
CA THR A 355 -19.02 -5.50 -29.04
C THR A 355 -20.16 -6.41 -29.52
N GLN A 356 -19.81 -7.62 -29.94
CA GLN A 356 -20.82 -8.56 -30.42
C GLN A 356 -21.77 -8.99 -29.31
N ALA A 357 -21.35 -8.92 -28.04
CA ALA A 357 -22.24 -9.29 -26.95
C ALA A 357 -23.17 -8.17 -26.52
N ILE A 358 -23.08 -6.99 -27.14
CA ILE A 358 -23.97 -5.89 -26.81
C ILE A 358 -25.34 -6.20 -27.41
N MET B 1 31.24 -17.46 27.90
CA MET B 1 30.66 -16.80 29.06
C MET B 1 30.14 -15.41 28.69
N GLU B 2 29.36 -15.36 27.61
CA GLU B 2 28.85 -14.10 27.07
C GLU B 2 27.61 -13.66 27.83
N SER B 3 27.71 -12.53 28.54
CA SER B 3 26.61 -12.00 29.33
C SER B 3 26.21 -10.64 28.75
N TYR B 4 25.18 -10.65 27.91
CA TYR B 4 24.65 -9.42 27.33
C TYR B 4 23.44 -8.95 28.12
N ASN B 5 23.04 -7.70 27.85
CA ASN B 5 22.04 -7.03 28.66
C ASN B 5 20.92 -6.50 27.77
N ILE B 6 19.71 -7.01 27.97
CA ILE B 6 18.54 -6.66 27.16
C ILE B 6 17.63 -5.73 27.95
N ALA B 7 17.08 -4.72 27.28
CA ALA B 7 16.18 -3.76 27.91
C ALA B 7 14.76 -4.03 27.40
N VAL B 8 14.09 -4.99 28.05
CA VAL B 8 12.79 -5.46 27.58
C VAL B 8 11.73 -4.38 27.80
N LEU B 9 11.03 -4.03 26.73
CA LEU B 9 9.94 -3.05 26.78
C LEU B 9 8.70 -3.68 26.16
N ALA B 10 7.70 -4.00 27.01
CA ALA B 10 6.56 -4.80 26.58
C ALA B 10 5.50 -3.96 25.88
N GLY B 11 5.16 -2.80 26.45
CA GLY B 11 4.23 -1.91 25.81
C GLY B 11 2.77 -2.15 26.18
N ASP B 12 1.90 -2.11 25.17
CA ASP B 12 0.47 -2.15 25.34
C ASP B 12 -0.13 -3.28 24.51
N GLY B 13 -1.41 -3.55 24.74
CA GLY B 13 -2.10 -4.56 23.94
C GLY B 13 -1.52 -5.94 24.14
N ILE B 14 -1.24 -6.64 23.04
CA ILE B 14 -0.68 -7.98 23.10
C ILE B 14 0.80 -7.90 23.42
N GLY B 15 1.29 -6.70 23.73
CA GLY B 15 2.70 -6.51 24.01
C GLY B 15 3.18 -7.38 25.15
N PRO B 16 2.65 -7.16 26.35
CA PRO B 16 3.06 -7.98 27.50
C PRO B 16 2.78 -9.46 27.35
N GLU B 17 1.69 -9.85 26.68
CA GLU B 17 1.40 -11.26 26.47
C GLU B 17 2.52 -11.93 25.67
N VAL B 18 2.71 -11.51 24.42
CA VAL B 18 3.70 -12.17 23.58
C VAL B 18 5.11 -11.97 24.11
N MET B 19 5.35 -10.95 24.95
CA MET B 19 6.69 -10.76 25.49
C MET B 19 7.07 -11.88 26.46
N ALA B 20 6.09 -12.36 27.24
CA ALA B 20 6.36 -13.46 28.17
C ALA B 20 6.85 -14.69 27.43
N GLU B 21 6.27 -14.97 26.26
CA GLU B 21 6.67 -16.15 25.49
C GLU B 21 8.02 -15.97 24.82
N ALA B 22 8.38 -14.73 24.49
CA ALA B 22 9.71 -14.48 23.94
C ALA B 22 10.78 -14.77 24.98
N ILE B 23 10.58 -14.29 26.20
CA ILE B 23 11.48 -14.65 27.29
C ILE B 23 11.51 -16.16 27.47
N LYS B 24 10.34 -16.77 27.63
CA LYS B 24 10.23 -18.22 27.77
C LYS B 24 11.15 -18.96 26.81
N VAL B 25 11.07 -18.62 25.52
CA VAL B 25 11.87 -19.32 24.52
C VAL B 25 13.35 -19.00 24.71
N LEU B 26 13.67 -17.77 25.11
CA LEU B 26 15.07 -17.40 25.29
C LEU B 26 15.72 -18.21 26.41
N ASN B 27 15.13 -18.18 27.60
CA ASN B 27 15.72 -18.85 28.75
C ASN B 27 16.16 -20.28 28.40
N ARG B 28 15.33 -21.00 27.65
CA ARG B 28 15.77 -22.32 27.19
C ARG B 28 16.98 -22.20 26.28
N VAL B 29 16.99 -21.18 25.41
CA VAL B 29 18.14 -20.98 24.52
C VAL B 29 19.38 -20.63 25.33
N GLN B 30 19.23 -19.78 26.34
CA GLN B 30 20.34 -19.42 27.23
C GLN B 30 21.06 -20.67 27.74
N GLU B 31 20.39 -21.43 28.61
CA GLU B 31 20.97 -22.63 29.21
C GLU B 31 21.14 -23.78 28.23
N LYS B 32 20.82 -23.59 26.95
CA LYS B 32 21.01 -24.65 25.96
C LYS B 32 22.34 -24.54 25.23
N PHE B 33 22.80 -23.33 24.93
CA PHE B 33 24.00 -23.11 24.14
C PHE B 33 25.15 -22.49 24.93
N GLY B 34 24.86 -21.76 25.99
CA GLY B 34 25.92 -21.23 26.84
C GLY B 34 26.12 -19.74 26.76
N PHE B 35 25.10 -18.97 27.15
CA PHE B 35 25.25 -17.53 27.33
C PHE B 35 24.17 -17.08 28.31
N LYS B 36 24.38 -15.89 28.87
CA LYS B 36 23.43 -15.31 29.80
C LYS B 36 22.79 -14.06 29.21
N LEU B 37 21.53 -13.84 29.56
CA LEU B 37 20.82 -12.62 29.19
C LEU B 37 20.22 -12.02 30.46
N ASN B 38 20.52 -10.75 30.71
CA ASN B 38 20.14 -10.06 31.94
C ASN B 38 18.97 -9.12 31.64
N PHE B 39 17.76 -9.68 31.67
CA PHE B 39 16.55 -8.97 31.26
C PHE B 39 16.17 -7.92 32.30
N ASN B 40 16.29 -6.64 31.92
CA ASN B 40 15.84 -5.51 32.73
C ASN B 40 14.66 -4.86 32.01
N GLU B 41 13.51 -4.82 32.68
CA GLU B 41 12.24 -4.45 32.05
C GLU B 41 11.81 -3.05 32.48
N PHE B 42 11.24 -2.30 31.54
CA PHE B 42 10.80 -0.93 31.76
C PHE B 42 9.38 -0.77 31.22
N PHE B 43 8.83 0.43 31.40
CA PHE B 43 7.50 0.80 30.94
C PHE B 43 7.61 1.75 29.76
N VAL B 44 6.82 1.50 28.71
CA VAL B 44 6.78 2.37 27.54
C VAL B 44 5.36 2.35 26.95
N GLY B 45 4.99 3.45 26.31
CA GLY B 45 3.70 3.53 25.64
C GLY B 45 2.61 4.06 26.55
N GLY B 46 1.38 3.60 26.36
CA GLY B 46 0.30 3.98 27.26
C GLY B 46 0.46 3.41 28.65
N ALA B 47 1.17 2.29 28.80
CA ALA B 47 1.46 1.76 30.12
C ALA B 47 2.24 2.76 30.95
N ALA B 48 3.29 3.34 30.37
CA ALA B 48 4.07 4.37 31.05
C ALA B 48 3.28 5.64 31.30
N ILE B 49 2.05 5.73 30.80
CA ILE B 49 1.25 6.93 31.03
C ILE B 49 0.56 6.89 32.40
N GLU B 50 0.30 5.69 32.94
CA GLU B 50 -0.27 5.54 34.27
C GLU B 50 0.60 4.68 35.18
N HIS B 51 1.86 4.47 34.83
CA HIS B 51 2.87 3.98 35.77
C HIS B 51 4.02 4.95 35.91
N CYS B 52 3.97 6.08 35.19
CA CYS B 52 4.91 7.17 35.34
C CYS B 52 4.20 8.49 35.02
N GLY B 53 3.33 8.48 34.02
CA GLY B 53 2.61 9.66 33.58
C GLY B 53 3.06 10.21 32.23
N TYR B 54 4.02 9.56 31.57
CA TYR B 54 4.58 10.04 30.30
C TYR B 54 4.93 8.86 29.42
N PRO B 55 4.65 8.92 28.12
CA PRO B 55 4.80 7.73 27.26
C PRO B 55 6.23 7.19 27.22
N LEU B 56 7.24 8.04 27.33
CA LEU B 56 8.63 7.61 27.41
C LEU B 56 9.27 8.37 28.56
N PRO B 57 9.24 7.81 29.77
CA PRO B 57 9.80 8.52 30.92
C PRO B 57 11.30 8.35 31.02
N ALA B 58 11.94 9.32 31.68
CA ALA B 58 13.40 9.36 31.72
C ALA B 58 13.98 8.00 32.08
N GLU B 59 13.46 7.38 33.15
CA GLU B 59 13.95 6.07 33.56
C GLU B 59 14.04 5.12 32.39
N THR B 60 12.94 4.99 31.64
CA THR B 60 12.86 4.04 30.55
C THR B 60 13.96 4.29 29.52
N LEU B 61 14.12 5.53 29.09
CA LEU B 61 15.16 5.84 28.12
C LEU B 61 16.54 5.49 28.65
N LYS B 62 16.74 5.62 29.96
CA LYS B 62 18.04 5.36 30.57
C LYS B 62 18.40 3.89 30.48
N GLY B 63 17.44 2.99 30.74
CA GLY B 63 17.73 1.57 30.68
C GLY B 63 18.20 1.12 29.32
N CYS B 64 17.58 1.66 28.27
CA CYS B 64 18.01 1.30 26.91
C CYS B 64 19.46 1.71 26.67
N ASP B 65 19.80 2.95 26.98
CA ASP B 65 21.15 3.46 26.83
C ASP B 65 22.19 2.48 27.34
N GLN B 66 21.85 1.74 28.40
CA GLN B 66 22.80 0.89 29.08
C GLN B 66 22.80 -0.56 28.62
N ALA B 67 21.86 -0.95 27.77
CA ALA B 67 21.79 -2.32 27.30
C ALA B 67 22.54 -2.48 25.97
N ASP B 68 22.83 -3.74 25.63
CA ASP B 68 23.42 -4.09 24.35
C ASP B 68 22.37 -4.46 23.29
N ALA B 69 21.09 -4.24 23.58
CA ALA B 69 19.99 -4.57 22.68
C ALA B 69 18.66 -4.35 23.41
N ILE B 70 17.67 -3.82 22.71
CA ILE B 70 16.36 -3.56 23.29
C ILE B 70 15.37 -4.56 22.67
N LEU B 71 14.70 -5.33 23.51
CA LEU B 71 13.60 -6.16 23.08
C LEU B 71 12.30 -5.42 23.37
N PHE B 72 11.43 -5.30 22.38
CA PHE B 72 10.32 -4.36 22.42
C PHE B 72 9.04 -5.04 21.97
N GLY B 73 7.93 -4.67 22.59
CA GLY B 73 6.64 -5.23 22.22
C GLY B 73 5.88 -4.42 21.19
N SER B 74 5.01 -3.52 21.65
CA SER B 74 4.38 -2.51 20.82
C SER B 74 3.54 -1.62 21.71
N VAL B 75 3.27 -0.39 21.23
CA VAL B 75 2.48 0.57 22.01
C VAL B 75 1.22 0.94 21.25
N GLY B 76 0.38 1.75 21.85
CA GLY B 76 -0.82 2.19 21.18
C GLY B 76 -2.05 1.43 21.63
N GLY B 77 -3.17 2.14 21.69
CA GLY B 77 -4.44 1.59 22.08
C GLY B 77 -5.52 2.65 22.11
N PRO B 78 -6.77 2.23 22.04
CA PRO B 78 -7.88 3.21 22.08
C PRO B 78 -7.97 4.00 23.37
N LYS B 79 -7.36 3.53 24.47
CA LYS B 79 -7.45 4.27 25.72
C LYS B 79 -6.81 5.65 25.62
N TRP B 80 -5.85 5.82 24.72
CA TRP B 80 -5.06 7.04 24.68
C TRP B 80 -5.33 7.88 23.43
N THR B 81 -6.37 7.53 22.68
CA THR B 81 -6.85 8.30 21.53
C THR B 81 -6.88 9.79 21.81
N ASN B 82 -7.39 10.18 22.98
CA ASN B 82 -7.83 11.56 23.21
C ASN B 82 -6.78 12.44 23.87
N LEU B 83 -5.57 11.92 24.11
CA LEU B 83 -4.49 12.78 24.56
C LEU B 83 -4.07 13.68 23.41
N PRO B 84 -3.25 14.70 23.67
CA PRO B 84 -2.73 15.50 22.57
C PRO B 84 -1.91 14.63 21.64
N PRO B 85 -1.81 15.00 20.36
CA PRO B 85 -1.02 14.18 19.43
C PRO B 85 0.39 13.88 19.93
N ASP B 86 1.10 14.89 20.46
CA ASP B 86 2.49 14.74 20.86
C ASP B 86 2.67 13.86 22.10
N GLN B 87 1.61 13.52 22.82
CA GLN B 87 1.74 12.84 24.11
C GLN B 87 1.10 11.46 24.12
N GLN B 88 0.75 10.92 22.96
CA GLN B 88 0.24 9.57 22.84
C GLN B 88 1.39 8.58 22.73
N PRO B 89 1.10 7.27 22.73
CA PRO B 89 2.19 6.29 22.75
C PRO B 89 3.01 6.23 21.47
N GLU B 90 2.39 6.47 20.31
CA GLU B 90 3.08 6.33 19.02
C GLU B 90 4.03 7.52 18.77
N ARG B 91 3.49 8.74 18.69
CA ARG B 91 4.38 9.89 18.58
C ARG B 91 5.14 10.16 19.86
N GLY B 92 4.60 9.74 21.01
CA GLY B 92 5.20 10.09 22.28
C GLY B 92 6.34 9.19 22.72
N ALA B 93 6.36 7.94 22.24
CA ALA B 93 7.38 7.02 22.71
C ALA B 93 8.14 6.35 21.58
N LEU B 94 7.44 5.62 20.71
CA LEU B 94 8.11 4.77 19.72
C LEU B 94 8.89 5.61 18.71
N LEU B 95 8.22 6.57 18.06
CA LEU B 95 8.94 7.43 17.13
C LEU B 95 10.10 8.14 17.81
N PRO B 96 9.93 8.74 18.99
CA PRO B 96 11.10 9.27 19.71
C PRO B 96 12.19 8.22 19.93
N LEU B 97 11.85 7.03 20.41
CA LEU B 97 12.84 5.98 20.61
C LEU B 97 13.68 5.77 19.36
N ARG B 98 13.00 5.54 18.23
CA ARG B 98 13.71 5.26 16.98
C ARG B 98 14.67 6.39 16.65
N LYS B 99 14.21 7.63 16.78
CA LYS B 99 15.05 8.77 16.44
C LYS B 99 16.22 8.89 17.42
N HIS B 100 15.96 8.64 18.71
CA HIS B 100 16.97 8.87 19.73
C HIS B 100 18.19 7.98 19.54
N PHE B 101 17.99 6.71 19.21
CA PHE B 101 19.09 5.79 18.97
C PHE B 101 19.49 5.72 17.50
N LYS B 102 18.99 6.67 16.68
CA LYS B 102 19.31 6.74 15.25
C LYS B 102 19.18 5.38 14.56
N LEU B 103 18.07 4.70 14.84
CA LEU B 103 17.77 3.37 14.27
C LEU B 103 17.14 3.51 12.88
N PHE B 104 17.98 3.90 11.92
CA PHE B 104 17.50 4.25 10.59
C PHE B 104 17.09 3.03 9.76
N CYS B 105 17.66 1.86 10.02
CA CYS B 105 17.48 0.70 9.15
C CYS B 105 16.50 -0.31 9.77
N ASN B 106 15.34 -0.48 9.15
CA ASN B 106 14.30 -1.38 9.62
C ASN B 106 14.24 -2.60 8.71
N LEU B 107 14.38 -3.79 9.30
CA LEU B 107 14.44 -5.05 8.56
C LEU B 107 13.23 -5.89 8.92
N ARG B 108 12.44 -6.28 7.92
CA ARG B 108 11.24 -7.06 8.13
C ARG B 108 11.26 -8.24 7.17
N PRO B 109 11.70 -9.42 7.63
CA PRO B 109 11.83 -10.57 6.75
C PRO B 109 10.55 -11.39 6.73
N ALA B 110 9.98 -11.58 5.54
CA ALA B 110 8.71 -12.28 5.35
C ALA B 110 8.95 -13.46 4.42
N THR B 111 8.62 -14.65 4.90
CA THR B 111 8.86 -15.84 4.09
C THR B 111 7.72 -16.82 4.36
N LEU B 112 7.33 -17.55 3.32
CA LEU B 112 6.36 -18.64 3.45
C LEU B 112 7.13 -19.92 3.77
N TYR B 113 6.82 -20.53 4.90
CA TYR B 113 7.62 -21.64 5.40
C TYR B 113 7.35 -22.92 4.61
N LYS B 114 8.34 -23.82 4.62
CA LYS B 114 8.25 -25.07 3.87
C LYS B 114 6.99 -25.85 4.24
N GLY B 115 6.14 -26.08 3.25
CA GLY B 115 4.93 -26.85 3.46
C GLY B 115 3.84 -26.15 4.24
N LEU B 116 3.90 -24.84 4.38
CA LEU B 116 2.90 -24.08 5.13
C LEU B 116 1.98 -23.27 4.23
N GLU B 117 1.99 -23.53 2.92
CA GLU B 117 1.16 -22.77 1.99
C GLU B 117 -0.30 -22.72 2.41
N LYS B 118 -0.73 -23.57 3.33
CA LYS B 118 -2.09 -23.46 3.83
C LYS B 118 -2.31 -22.13 4.52
N PHE B 119 -1.28 -21.61 5.20
CA PHE B 119 -1.41 -20.35 5.91
C PHE B 119 -1.60 -19.18 4.95
N CYS B 120 -1.03 -19.26 3.77
CA CYS B 120 -0.98 -18.15 2.85
C CYS B 120 -2.35 -17.84 2.29
N PRO B 121 -2.85 -16.60 2.42
CA PRO B 121 -4.17 -16.26 1.88
C PRO B 121 -4.23 -16.07 0.39
N LEU B 122 -3.18 -16.41 -0.36
CA LEU B 122 -3.23 -16.29 -1.80
C LEU B 122 -3.69 -17.61 -2.42
N ARG B 123 -3.95 -17.58 -3.73
CA ARG B 123 -4.43 -18.75 -4.44
C ARG B 123 -3.37 -19.85 -4.46
N ALA B 124 -3.82 -21.10 -4.46
CA ALA B 124 -2.91 -22.23 -4.24
C ALA B 124 -1.74 -22.19 -5.19
N ASP B 125 -1.98 -21.92 -6.47
CA ASP B 125 -0.88 -21.98 -7.42
C ASP B 125 0.10 -20.84 -7.20
N ILE B 126 -0.37 -19.67 -6.76
CA ILE B 126 0.54 -18.60 -6.40
C ILE B 126 1.33 -18.98 -5.15
N ALA B 127 0.61 -19.40 -4.10
CA ALA B 127 1.29 -19.72 -2.85
C ALA B 127 2.30 -20.84 -3.04
N ALA B 128 2.03 -21.79 -3.96
CA ALA B 128 2.94 -22.91 -4.17
C ALA B 128 4.35 -22.42 -4.49
N LYS B 129 4.47 -21.43 -5.37
CA LYS B 129 5.78 -20.90 -5.72
C LYS B 129 6.54 -20.36 -4.51
N GLY B 130 5.89 -20.25 -3.34
CA GLY B 130 6.56 -19.78 -2.15
C GLY B 130 7.12 -18.39 -2.29
N PHE B 131 7.73 -17.86 -1.23
CA PHE B 131 8.37 -16.55 -1.35
C PHE B 131 9.21 -16.30 -0.12
N ASP B 132 10.27 -15.50 -0.30
CA ASP B 132 11.21 -15.17 0.77
C ASP B 132 11.73 -13.77 0.49
N MET B 133 11.37 -12.84 1.37
CA MET B 133 11.43 -11.42 1.13
C MET B 133 11.97 -10.75 2.38
N VAL B 134 12.70 -9.64 2.18
CA VAL B 134 13.10 -8.78 3.28
C VAL B 134 12.78 -7.33 2.90
N VAL B 135 11.95 -6.68 3.69
CA VAL B 135 11.66 -5.27 3.53
C VAL B 135 12.71 -4.46 4.27
N VAL B 136 13.51 -3.70 3.54
CA VAL B 136 14.49 -2.80 4.13
C VAL B 136 13.89 -1.39 4.09
N ARG B 137 13.39 -0.95 5.23
CA ARG B 137 12.59 0.27 5.36
C ARG B 137 13.39 1.36 6.09
N GLU B 138 13.53 2.51 5.44
CA GLU B 138 14.11 3.69 6.08
C GLU B 138 13.22 4.11 7.24
N LEU B 139 13.81 4.27 8.44
CA LEU B 139 12.98 4.31 9.64
C LEU B 139 13.00 5.62 10.41
N THR B 140 13.98 6.49 10.20
CA THR B 140 14.07 7.69 11.03
C THR B 140 13.86 8.99 10.26
N GLY B 141 13.45 8.92 8.99
CA GLY B 141 13.26 10.09 8.18
C GLY B 141 11.91 10.13 7.49
N GLY B 142 11.76 11.01 6.49
CA GLY B 142 10.51 11.05 5.76
C GLY B 142 9.35 11.67 6.51
N ILE B 143 8.15 11.41 5.99
CA ILE B 143 6.97 12.16 6.42
C ILE B 143 6.65 11.93 7.88
N TYR B 144 7.04 10.78 8.44
CA TYR B 144 6.75 10.55 9.86
C TYR B 144 7.54 11.48 10.76
N PHE B 145 8.70 11.97 10.31
CA PHE B 145 9.52 12.88 11.10
C PHE B 145 9.68 14.25 10.49
N GLY B 146 9.26 14.45 9.23
CA GLY B 146 9.60 15.66 8.53
C GLY B 146 9.02 16.89 9.18
N GLN B 147 9.73 18.00 9.02
CA GLN B 147 9.19 19.30 9.32
C GLN B 147 9.13 20.13 8.04
N PRO B 148 8.16 21.05 7.93
CA PRO B 148 7.18 21.28 8.98
C PRO B 148 6.00 20.31 8.92
N LYS B 149 5.32 20.16 10.06
CA LYS B 149 4.04 19.50 10.15
C LYS B 149 3.23 20.17 11.25
N GLY B 150 1.91 20.17 11.10
CA GLY B 150 1.04 20.85 12.04
C GLY B 150 -0.30 21.16 11.40
N ARG B 151 -1.00 22.10 12.01
CA ARG B 151 -2.33 22.50 11.56
C ARG B 151 -2.45 24.01 11.76
N GLU B 152 -3.10 24.68 10.82
CA GLU B 152 -3.23 26.13 10.87
C GLU B 152 -4.58 26.53 10.28
N GLY B 153 -5.01 27.74 10.61
CA GLY B 153 -6.24 28.27 10.07
C GLY B 153 -7.46 27.81 10.84
N ASP B 154 -8.64 28.16 10.32
CA ASP B 154 -9.90 27.92 11.03
C ASP B 154 -11.02 27.64 10.05
N GLY B 155 -12.04 26.93 10.54
CA GLY B 155 -13.18 26.74 9.69
C GLY B 155 -12.84 25.81 8.52
N VAL B 156 -13.54 26.00 7.41
CA VAL B 156 -13.32 25.17 6.23
C VAL B 156 -11.96 25.40 5.59
N GLN B 157 -11.23 26.44 6.00
CA GLN B 157 -9.88 26.64 5.52
C GLN B 157 -8.84 26.17 6.52
N THR B 158 -9.24 25.45 7.56
CA THR B 158 -8.26 24.79 8.41
C THR B 158 -7.39 23.90 7.53
N LYS B 159 -6.08 23.99 7.74
CA LYS B 159 -5.09 23.36 6.88
C LYS B 159 -4.16 22.53 7.76
N ALA B 160 -4.02 21.24 7.44
CA ALA B 160 -3.12 20.35 8.15
C ALA B 160 -2.13 19.73 7.17
N PHE B 161 -0.91 19.48 7.62
CA PHE B 161 0.17 19.17 6.69
C PHE B 161 1.26 18.36 7.37
N ASP B 162 1.95 17.57 6.54
CA ASP B 162 3.14 16.82 6.90
C ASP B 162 4.07 16.89 5.70
N THR B 163 5.37 16.75 5.94
CA THR B 163 6.37 16.92 4.90
C THR B 163 7.14 15.62 4.70
N GLU B 164 6.98 15.03 3.51
CA GLU B 164 7.81 13.92 3.04
C GLU B 164 9.08 14.53 2.49
N VAL B 165 10.08 14.66 3.34
CA VAL B 165 11.38 15.23 2.98
C VAL B 165 12.46 14.19 3.26
N TYR B 166 13.39 14.04 2.33
CA TYR B 166 14.56 13.20 2.56
C TYR B 166 15.82 13.96 2.20
N TYR B 167 16.87 13.78 3.00
CA TYR B 167 18.20 14.26 2.67
C TYR B 167 18.99 13.10 2.04
N LYS B 168 19.88 13.45 1.12
CA LYS B 168 20.55 12.41 0.34
C LYS B 168 21.27 11.42 1.25
N TYR B 169 21.93 11.90 2.30
CA TYR B 169 22.68 10.95 3.13
C TYR B 169 21.77 9.95 3.83
N GLU B 170 20.51 10.30 4.09
CA GLU B 170 19.58 9.34 4.66
C GLU B 170 19.26 8.24 3.67
N ILE B 171 19.07 8.62 2.40
CA ILE B 171 18.79 7.66 1.36
C ILE B 171 20.00 6.77 1.11
N GLU B 172 21.20 7.37 1.13
CA GLU B 172 22.41 6.59 0.88
C GLU B 172 22.57 5.47 1.91
N ARG B 173 22.36 5.77 3.19
CA ARG B 173 22.64 4.76 4.21
C ARG B 173 21.62 3.63 4.19
N ILE B 174 20.34 3.93 3.97
CA ILE B 174 19.39 2.81 3.94
C ILE B 174 19.55 2.02 2.64
N ALA B 175 19.93 2.68 1.55
CA ALA B 175 20.22 1.98 0.31
C ALA B 175 21.39 1.03 0.47
N ARG B 176 22.50 1.50 1.06
CA ARG B 176 23.62 0.61 1.35
C ARG B 176 23.17 -0.61 2.14
N ALA B 177 22.36 -0.39 3.17
CA ALA B 177 21.87 -1.52 3.96
C ALA B 177 21.10 -2.49 3.08
N ALA B 178 20.35 -1.97 2.12
CA ALA B 178 19.60 -2.85 1.22
C ALA B 178 20.53 -3.64 0.30
N PHE B 179 21.52 -2.98 -0.30
CA PHE B 179 22.41 -3.72 -1.22
C PHE B 179 23.28 -4.72 -0.48
N GLU B 180 23.68 -4.40 0.74
CA GLU B 180 24.48 -5.35 1.50
C GLU B 180 23.65 -6.58 1.86
N ALA B 181 22.41 -6.39 2.30
CA ALA B 181 21.55 -7.52 2.56
C ALA B 181 21.30 -8.34 1.30
N ALA B 182 21.15 -7.67 0.15
CA ALA B 182 20.95 -8.40 -1.10
C ALA B 182 22.17 -9.25 -1.44
N MET B 183 23.37 -8.70 -1.22
CA MET B 183 24.58 -9.46 -1.47
C MET B 183 24.60 -10.74 -0.64
N LYS B 184 24.04 -10.70 0.55
CA LYS B 184 23.97 -11.88 1.41
C LYS B 184 22.78 -12.76 1.06
N ARG B 185 22.02 -12.43 0.03
CA ARG B 185 20.83 -13.20 -0.32
C ARG B 185 20.85 -13.52 -1.80
N ASN B 186 19.87 -13.02 -2.56
CA ASN B 186 19.76 -13.39 -3.95
C ASN B 186 20.12 -12.25 -4.90
N LYS B 187 20.80 -11.23 -4.39
CA LYS B 187 21.39 -10.22 -5.27
C LYS B 187 20.33 -9.52 -6.12
N LYS B 188 19.13 -9.33 -5.58
CA LYS B 188 18.12 -8.50 -6.20
C LYS B 188 17.59 -7.50 -5.20
N VAL B 189 17.61 -6.22 -5.58
CA VAL B 189 16.99 -5.16 -4.81
C VAL B 189 15.87 -4.57 -5.65
N THR B 190 14.67 -4.52 -5.11
CA THR B 190 13.55 -3.80 -5.71
C THR B 190 13.33 -2.53 -4.89
N SER B 191 13.59 -1.39 -5.49
CA SER B 191 13.34 -0.11 -4.84
C SER B 191 11.95 0.38 -5.19
N VAL B 192 11.21 0.82 -4.18
CA VAL B 192 9.80 1.17 -4.31
C VAL B 192 9.66 2.66 -4.03
N ASP B 193 9.06 3.39 -4.98
CA ASP B 193 8.89 4.84 -4.81
C ASP B 193 7.64 5.29 -5.55
N LYS B 194 7.50 6.60 -5.70
CA LYS B 194 6.51 7.19 -6.60
C LYS B 194 7.21 8.33 -7.34
N ALA B 195 8.29 7.98 -8.05
CA ALA B 195 9.16 8.96 -8.67
C ALA B 195 8.52 9.67 -9.85
N ASN B 196 7.41 9.16 -10.40
CA ASN B 196 6.70 9.90 -11.43
C ASN B 196 5.91 11.07 -10.88
N VAL B 197 5.78 11.22 -9.55
CA VAL B 197 5.09 12.38 -9.00
C VAL B 197 5.95 13.11 -7.97
N LEU B 198 6.47 12.36 -7.00
CA LEU B 198 7.07 13.00 -5.82
C LEU B 198 8.50 13.43 -6.09
N GLN B 199 8.80 14.67 -5.72
CA GLN B 199 10.18 15.15 -5.79
C GLN B 199 11.08 14.32 -4.92
N SER B 200 10.63 14.00 -3.69
CA SER B 200 11.44 13.18 -2.81
C SER B 200 11.73 11.82 -3.42
N SER B 201 10.75 11.23 -4.12
CA SER B 201 10.99 9.95 -4.78
C SER B 201 11.98 10.08 -5.94
N ILE B 202 12.01 11.24 -6.61
CA ILE B 202 13.03 11.40 -7.63
C ILE B 202 14.41 11.32 -7.00
N LEU B 203 14.60 11.97 -5.87
CA LEU B 203 15.91 11.92 -5.22
C LEU B 203 16.20 10.52 -4.72
N TRP B 204 15.19 9.87 -4.15
CA TRP B 204 15.32 8.47 -3.77
C TRP B 204 15.83 7.65 -4.94
N ARG B 205 15.11 7.71 -6.06
CA ARG B 205 15.44 6.84 -7.18
C ARG B 205 16.86 7.11 -7.69
N GLU B 206 17.23 8.39 -7.77
CA GLU B 206 18.54 8.74 -8.33
C GLU B 206 19.67 8.28 -7.42
N THR B 207 19.50 8.41 -6.11
CA THR B 207 20.52 8.02 -5.15
C THR B 207 20.67 6.50 -5.11
N VAL B 208 19.54 5.78 -5.06
CA VAL B 208 19.60 4.32 -5.12
C VAL B 208 20.34 3.85 -6.36
N THR B 209 20.07 4.48 -7.51
CA THR B 209 20.73 4.09 -8.74
C THR B 209 22.24 4.38 -8.68
N GLU B 210 22.64 5.54 -8.14
CA GLU B 210 24.06 5.83 -7.93
C GLU B 210 24.70 4.79 -7.03
N MET B 211 24.06 4.49 -5.90
CA MET B 211 24.57 3.51 -4.96
C MET B 211 24.79 2.15 -5.62
N ALA B 212 23.96 1.80 -6.60
CA ALA B 212 24.07 0.50 -7.26
C ALA B 212 25.40 0.30 -7.96
N LYS B 213 26.11 1.38 -8.29
CA LYS B 213 27.41 1.22 -8.95
C LYS B 213 28.46 0.58 -8.07
N ASP B 214 28.30 0.67 -6.75
CA ASP B 214 29.20 -0.01 -5.82
C ASP B 214 28.82 -1.46 -5.57
N TYR B 215 27.87 -2.02 -6.33
CA TYR B 215 27.37 -3.37 -6.09
C TYR B 215 26.97 -4.03 -7.41
N PRO B 216 27.91 -4.15 -8.35
CA PRO B 216 27.54 -4.57 -9.71
C PRO B 216 27.02 -6.01 -9.78
N GLU B 217 27.12 -6.77 -8.71
CA GLU B 217 26.52 -8.10 -8.72
C GLU B 217 25.03 -8.08 -8.42
N VAL B 218 24.50 -6.95 -7.90
CA VAL B 218 23.09 -6.87 -7.53
C VAL B 218 22.28 -6.38 -8.73
N THR B 219 21.14 -7.01 -8.97
CA THR B 219 20.16 -6.49 -9.91
C THR B 219 19.27 -5.50 -9.18
N LEU B 220 19.17 -4.30 -9.73
CA LEU B 220 18.35 -3.26 -9.15
C LEU B 220 17.16 -3.04 -10.06
N GLU B 221 15.96 -3.14 -9.49
CA GLU B 221 14.75 -2.74 -10.18
C GLU B 221 14.03 -1.67 -9.38
N HIS B 222 13.28 -0.83 -10.09
CA HIS B 222 12.46 0.24 -9.54
C HIS B 222 11.00 0.01 -9.91
N ILE B 223 10.11 0.21 -8.96
CA ILE B 223 8.69 -0.03 -9.16
C ILE B 223 7.92 1.03 -8.37
N TYR B 224 6.74 1.42 -8.87
CA TYR B 224 5.95 2.40 -8.12
C TYR B 224 5.17 1.73 -7.00
N ILE B 225 4.89 2.49 -5.93
CA ILE B 225 4.28 1.92 -4.72
C ILE B 225 2.93 1.28 -5.03
N ASP B 226 2.11 1.91 -5.88
CA ASP B 226 0.82 1.29 -6.18
C ASP B 226 0.99 -0.05 -6.91
N ASN B 227 1.87 -0.11 -7.91
CA ASN B 227 2.16 -1.39 -8.56
C ASN B 227 2.73 -2.40 -7.56
N ALA B 228 3.61 -1.97 -6.67
CA ALA B 228 4.21 -2.90 -5.71
C ALA B 228 3.13 -3.67 -4.95
N THR B 229 2.03 -3.01 -4.69
CA THR B 229 0.94 -3.56 -3.92
C THR B 229 0.21 -4.67 -4.67
N MET B 230 0.20 -4.60 -6.01
CA MET B 230 -0.29 -5.72 -6.81
C MET B 230 0.73 -6.82 -6.92
N GLN B 231 1.99 -6.45 -7.17
CA GLN B 231 3.00 -7.45 -7.44
C GLN B 231 3.20 -8.38 -6.24
N LEU B 232 3.05 -7.87 -5.01
CA LEU B 232 3.19 -8.73 -3.83
C LEU B 232 2.14 -9.82 -3.82
N ILE B 233 0.97 -9.55 -4.36
CA ILE B 233 -0.06 -10.58 -4.38
C ILE B 233 0.14 -11.51 -5.56
N LYS B 234 0.56 -10.96 -6.70
CA LYS B 234 0.58 -11.68 -7.98
C LYS B 234 1.85 -12.50 -8.17
N SER B 235 2.97 -12.01 -7.68
CA SER B 235 4.26 -12.64 -7.88
C SER B 235 5.15 -12.39 -6.68
N PRO B 236 4.74 -12.79 -5.48
CA PRO B 236 5.61 -12.59 -4.32
C PRO B 236 6.98 -13.25 -4.48
N GLU B 237 7.07 -14.30 -5.29
CA GLU B 237 8.33 -15.03 -5.44
C GLU B 237 9.39 -14.23 -6.18
N SER B 238 8.99 -13.20 -6.92
CA SER B 238 9.98 -12.47 -7.69
C SER B 238 10.76 -11.46 -6.86
N PHE B 239 10.44 -11.30 -5.57
CA PHE B 239 11.08 -10.32 -4.71
C PHE B 239 12.20 -10.95 -3.90
N ASP B 240 13.29 -10.19 -3.73
CA ASP B 240 14.33 -10.52 -2.76
C ASP B 240 14.38 -9.44 -1.68
N VAL B 241 15.12 -8.36 -1.93
CA VAL B 241 15.17 -7.21 -1.04
C VAL B 241 14.21 -6.15 -1.56
N LEU B 242 13.36 -5.65 -0.67
CA LEU B 242 12.42 -4.57 -0.96
C LEU B 242 12.89 -3.32 -0.24
N LEU B 243 13.49 -2.39 -0.99
CA LEU B 243 14.00 -1.14 -0.45
C LEU B 243 12.92 -0.05 -0.51
N CYS B 244 12.57 0.52 0.66
CA CYS B 244 11.40 1.39 0.80
C CYS B 244 11.66 2.57 1.72
N SER B 245 10.94 3.66 1.44
CA SER B 245 10.89 4.78 2.38
C SER B 245 10.15 4.39 3.65
N ASN B 246 10.22 5.29 4.62
CA ASN B 246 9.55 5.08 5.90
C ASN B 246 8.07 4.72 5.71
N ILE B 247 7.31 5.57 5.01
CA ILE B 247 5.88 5.31 4.90
C ILE B 247 5.59 4.17 3.92
N PHE B 248 6.27 4.11 2.78
CA PHE B 248 5.99 3.02 1.85
C PHE B 248 6.37 1.66 2.46
N GLY B 249 7.47 1.63 3.23
CA GLY B 249 7.86 0.39 3.89
C GLY B 249 6.89 -0.03 4.99
N ASP B 250 6.41 0.95 5.76
CA ASP B 250 5.32 0.67 6.67
C ASP B 250 4.19 -0.07 5.97
N ILE B 251 3.73 0.48 4.84
CA ILE B 251 2.55 -0.05 4.16
C ILE B 251 2.84 -1.43 3.60
N ILE B 252 3.94 -1.57 2.88
CA ILE B 252 4.22 -2.80 2.14
C ILE B 252 4.49 -3.97 3.06
N SER B 253 5.09 -3.71 4.24
CA SER B 253 5.48 -4.80 5.13
C SER B 253 4.27 -5.44 5.80
N ASP B 254 3.20 -4.68 6.06
CA ASP B 254 1.99 -5.33 6.53
C ASP B 254 1.40 -6.21 5.45
N GLU B 255 1.34 -5.73 4.22
CA GLU B 255 0.85 -6.58 3.14
C GLU B 255 1.66 -7.87 3.08
N ALA B 256 2.99 -7.76 3.18
CA ALA B 256 3.82 -8.96 3.14
C ALA B 256 3.52 -9.87 4.33
N ALA B 257 3.39 -9.30 5.53
CA ALA B 257 2.99 -10.09 6.68
C ALA B 257 1.74 -10.90 6.37
N MET B 258 0.72 -10.25 5.80
CA MET B 258 -0.55 -10.93 5.59
C MET B 258 -0.38 -12.15 4.69
N ILE B 259 0.40 -12.00 3.61
CA ILE B 259 0.55 -13.12 2.67
C ILE B 259 1.35 -14.26 3.28
N THR B 260 2.09 -14.04 4.36
CA THR B 260 2.70 -15.17 5.06
C THR B 260 1.74 -15.82 6.03
N GLY B 261 0.56 -15.24 6.23
CA GLY B 261 -0.47 -15.89 7.03
C GLY B 261 -1.06 -15.03 8.12
N SER B 262 -0.36 -14.00 8.57
CA SER B 262 -0.87 -13.19 9.67
C SER B 262 0.13 -12.11 10.04
N MET B 263 -0.37 -11.05 10.67
CA MET B 263 0.52 -10.06 11.25
C MET B 263 1.44 -10.68 12.30
N GLY B 264 0.98 -11.72 12.99
CA GLY B 264 1.72 -12.32 14.09
C GLY B 264 2.95 -13.11 13.70
N MET B 265 3.27 -13.18 12.41
CA MET B 265 4.45 -13.88 11.94
C MET B 265 5.66 -13.00 11.75
N LEU B 266 5.48 -11.73 11.38
CA LEU B 266 6.59 -10.92 10.90
C LEU B 266 7.40 -10.28 12.02
N PRO B 267 8.66 -10.67 12.19
CA PRO B 267 9.54 -10.01 13.16
C PRO B 267 10.23 -8.83 12.49
N SER B 268 10.89 -8.02 13.32
CA SER B 268 11.57 -6.86 12.77
C SER B 268 12.78 -6.51 13.63
N ALA B 269 13.79 -5.96 12.99
CA ALA B 269 14.94 -5.41 13.67
C ALA B 269 15.10 -3.96 13.23
N SER B 270 15.38 -3.09 14.19
CA SER B 270 15.71 -1.69 13.92
C SER B 270 17.13 -1.40 14.39
N LEU B 271 18.06 -1.21 13.44
CA LEU B 271 19.48 -1.12 13.71
C LEU B 271 20.02 0.25 13.34
N ASN B 272 20.97 0.76 14.13
CA ASN B 272 21.72 1.94 13.73
C ASN B 272 23.04 1.53 13.07
N GLU B 273 23.81 2.54 12.69
CA GLU B 273 25.06 2.33 11.96
C GLU B 273 26.10 1.59 12.79
N GLU B 274 25.92 1.55 14.10
CA GLU B 274 26.82 0.83 14.99
C GLU B 274 26.45 -0.64 15.14
N GLY B 275 25.22 -1.02 14.83
CA GLY B 275 24.76 -2.37 15.07
C GLY B 275 23.91 -2.53 16.31
N PHE B 276 23.78 -1.47 17.11
CA PHE B 276 22.79 -1.48 18.19
C PHE B 276 21.41 -1.74 17.60
N GLY B 277 20.65 -2.61 18.26
CA GLY B 277 19.41 -3.08 17.67
C GLY B 277 18.21 -3.25 18.59
N LEU B 278 17.12 -2.55 18.26
CA LEU B 278 15.82 -2.80 18.87
C LEU B 278 15.07 -3.83 18.04
N TYR B 279 14.41 -4.76 18.72
CA TYR B 279 13.76 -5.90 18.06
C TYR B 279 12.32 -6.00 18.56
N GLU B 280 11.36 -5.70 17.68
CA GLU B 280 9.93 -5.72 17.92
C GLU B 280 9.25 -6.49 16.79
N PRO B 281 8.01 -6.95 16.99
CA PRO B 281 7.24 -7.49 15.86
C PRO B 281 6.76 -6.34 14.98
N ALA B 282 6.58 -6.65 13.69
CA ALA B 282 6.22 -5.60 12.73
C ALA B 282 4.87 -4.97 13.08
N GLY B 283 3.90 -5.77 13.50
CA GLY B 283 2.58 -5.27 13.78
C GLY B 283 2.52 -4.41 15.03
N GLY B 284 1.30 -3.99 15.34
CA GLY B 284 1.05 -3.13 16.48
C GLY B 284 0.52 -3.89 17.69
N SER B 285 -0.23 -3.16 18.52
CA SER B 285 -0.66 -3.66 19.82
C SER B 285 -1.93 -4.50 19.75
N ALA B 286 -2.53 -4.64 18.57
CA ALA B 286 -3.70 -5.48 18.31
C ALA B 286 -4.75 -5.35 19.44
N PRO B 287 -5.33 -4.17 19.62
CA PRO B 287 -6.31 -4.00 20.72
C PRO B 287 -7.46 -5.00 20.70
N ASP B 288 -7.86 -5.50 19.52
CA ASP B 288 -9.08 -6.32 19.48
C ASP B 288 -8.89 -7.74 20.00
N ILE B 289 -7.67 -8.14 20.36
CA ILE B 289 -7.41 -9.48 20.91
C ILE B 289 -6.51 -9.36 22.13
N ALA B 290 -6.31 -8.14 22.61
CA ALA B 290 -5.41 -7.89 23.73
C ALA B 290 -6.10 -8.21 25.04
N GLY B 291 -5.37 -8.88 25.94
CA GLY B 291 -5.94 -9.37 27.18
C GLY B 291 -6.43 -10.80 27.11
N LYS B 292 -6.64 -11.33 25.91
CA LYS B 292 -7.00 -12.73 25.70
C LYS B 292 -5.75 -13.48 25.28
N GLY B 293 -5.57 -14.67 25.82
CA GLY B 293 -4.37 -15.43 25.53
C GLY B 293 -4.35 -16.02 24.13
N ILE B 294 -5.00 -15.35 23.20
CA ILE B 294 -5.02 -15.76 21.80
C ILE B 294 -4.29 -14.67 21.02
N ALA B 295 -3.07 -14.97 20.57
CA ALA B 295 -2.22 -14.01 19.87
C ALA B 295 -0.94 -14.70 19.44
N ASN B 296 -0.66 -14.67 18.15
CA ASN B 296 0.52 -15.34 17.62
C ASN B 296 1.78 -14.71 18.24
N PRO B 297 2.58 -15.47 18.98
CA PRO B 297 3.83 -14.93 19.53
C PRO B 297 5.05 -15.13 18.64
N ILE B 298 4.86 -15.70 17.45
CA ILE B 298 5.98 -16.05 16.58
C ILE B 298 6.79 -14.80 16.23
N ALA B 299 6.09 -13.73 15.80
CA ALA B 299 6.79 -12.50 15.43
C ALA B 299 7.68 -11.98 16.58
N GLN B 300 7.13 -11.91 17.79
CA GLN B 300 7.94 -11.51 18.93
C GLN B 300 9.08 -12.49 19.15
N ILE B 301 8.79 -13.79 19.13
CA ILE B 301 9.82 -14.79 19.37
C ILE B 301 10.94 -14.66 18.35
N LEU B 302 10.58 -14.70 17.05
CA LEU B 302 11.57 -14.69 15.98
C LEU B 302 12.37 -13.39 15.95
N SER B 303 11.82 -12.31 16.53
CA SER B 303 12.55 -11.07 16.71
C SER B 303 13.82 -11.31 17.48
N ALA B 304 13.68 -11.85 18.70
CA ALA B 304 14.84 -12.24 19.49
C ALA B 304 15.72 -13.20 18.69
N ALA B 305 15.12 -14.02 17.83
CA ALA B 305 15.91 -14.86 16.93
C ALA B 305 16.70 -14.03 15.91
N MET B 306 16.29 -12.78 15.67
CA MET B 306 17.09 -11.83 14.90
C MET B 306 18.07 -11.05 15.78
N MET B 307 17.67 -10.77 17.03
CA MET B 307 18.54 -10.06 17.95
C MET B 307 19.86 -10.81 18.19
N LEU B 308 19.78 -12.09 18.52
CA LEU B 308 20.98 -12.91 18.66
C LEU B 308 21.72 -13.06 17.34
N ARG B 309 21.03 -12.88 16.21
CA ARG B 309 21.68 -12.87 14.91
C ARG B 309 22.49 -11.60 14.71
N TYR B 310 21.82 -10.44 14.80
CA TYR B 310 22.40 -9.17 14.37
C TYR B 310 23.13 -8.45 15.50
N SER B 311 22.56 -8.44 16.70
CA SER B 311 23.21 -7.75 17.80
C SER B 311 24.35 -8.55 18.41
N PHE B 312 24.35 -9.89 18.26
CA PHE B 312 25.27 -10.76 18.98
C PHE B 312 25.80 -11.93 18.15
N ASN B 313 25.60 -11.93 16.83
CA ASN B 313 26.18 -12.90 15.90
C ASN B 313 26.10 -14.36 16.33
N LEU B 314 25.27 -14.67 17.33
CA LEU B 314 25.04 -16.03 17.79
C LEU B 314 24.13 -16.77 16.81
N ASN B 315 24.74 -17.28 15.74
CA ASN B 315 23.97 -17.85 14.64
C ASN B 315 23.30 -19.16 15.04
N GLU B 316 24.00 -20.03 15.76
CA GLU B 316 23.41 -21.30 16.14
C GLU B 316 22.19 -21.09 17.04
N ALA B 317 22.31 -20.18 18.02
CA ALA B 317 21.18 -19.89 18.87
C ALA B 317 20.00 -19.35 18.07
N ALA B 318 20.27 -18.48 17.09
CA ALA B 318 19.19 -17.91 16.28
C ALA B 318 18.62 -18.95 15.32
N ASP B 319 19.48 -19.67 14.61
CA ASP B 319 19.01 -20.75 13.76
C ASP B 319 18.19 -21.77 14.54
N ALA B 320 18.39 -21.84 15.85
CA ALA B 320 17.62 -22.74 16.70
C ALA B 320 16.16 -22.29 16.78
N ILE B 321 15.90 -21.15 17.42
CA ILE B 321 14.54 -20.63 17.53
C ILE B 321 13.84 -20.66 16.18
N GLU B 322 14.57 -20.34 15.12
CA GLU B 322 13.95 -20.25 13.81
C GLU B 322 13.50 -21.62 13.30
N SER B 323 14.37 -22.62 13.38
CA SER B 323 13.96 -23.97 12.99
C SER B 323 13.06 -24.63 14.04
N ALA B 324 12.92 -24.04 15.22
CA ALA B 324 11.96 -24.53 16.21
C ALA B 324 10.56 -24.02 15.91
N VAL B 325 10.44 -22.78 15.43
CA VAL B 325 9.15 -22.32 14.93
C VAL B 325 8.75 -23.12 13.69
N GLN B 326 9.74 -23.50 12.87
CA GLN B 326 9.43 -24.26 11.66
C GLN B 326 8.91 -25.65 11.99
N LYS B 327 9.39 -26.26 13.08
CA LYS B 327 9.03 -27.64 13.40
C LYS B 327 7.67 -27.71 14.10
N VAL B 328 7.41 -26.81 15.06
CA VAL B 328 6.08 -26.75 15.67
C VAL B 328 5.02 -26.57 14.60
N LEU B 329 5.20 -25.60 13.70
CA LEU B 329 4.25 -25.36 12.63
C LEU B 329 4.21 -26.54 11.66
N ALA B 330 5.35 -27.19 11.43
CA ALA B 330 5.38 -28.37 10.57
C ALA B 330 4.56 -29.52 11.15
N SER B 331 4.39 -29.54 12.46
CA SER B 331 3.62 -30.59 13.13
C SER B 331 2.13 -30.25 13.25
N GLY B 332 1.67 -29.20 12.58
CA GLY B 332 0.27 -28.84 12.60
C GLY B 332 -0.21 -28.12 13.83
N HIS B 333 0.69 -27.51 14.61
CA HIS B 333 0.29 -26.72 15.77
C HIS B 333 0.37 -25.24 15.46
N ARG B 334 -1.77 -24.51 17.50
CA ARG B 334 -1.60 -23.27 16.76
C ARG B 334 -2.49 -22.14 17.23
N THR B 335 -2.12 -20.92 16.85
CA THR B 335 -2.91 -19.78 17.21
C THR B 335 -3.98 -19.52 16.13
N ALA B 336 -4.98 -18.69 16.50
CA ALA B 336 -6.19 -18.60 15.70
C ALA B 336 -5.97 -17.84 14.39
N ASP B 337 -4.99 -16.93 14.36
CA ASP B 337 -4.84 -16.05 13.21
C ASP B 337 -4.44 -16.77 11.94
N LEU B 338 -4.00 -18.03 12.02
CA LEU B 338 -3.47 -18.74 10.87
C LEU B 338 -4.50 -19.72 10.30
N ALA B 339 -4.53 -19.82 8.96
CA ALA B 339 -5.56 -20.57 8.26
C ALA B 339 -5.50 -22.05 8.58
N ASP B 340 -6.54 -22.77 8.16
CA ASP B 340 -6.82 -24.16 8.54
C ASP B 340 -7.63 -24.16 9.84
N ASP B 341 -8.66 -25.00 9.89
CA ASP B 341 -9.50 -25.10 11.07
C ASP B 341 -9.12 -26.36 11.85
N SER B 342 -8.65 -26.14 13.07
CA SER B 342 -8.22 -27.16 14.00
C SER B 342 -7.95 -26.43 15.30
N THR B 343 -8.26 -27.08 16.42
CA THR B 343 -8.31 -26.39 17.71
C THR B 343 -7.09 -25.52 17.95
N PRO B 344 -7.20 -24.20 17.76
CA PRO B 344 -6.04 -23.33 18.02
C PRO B 344 -5.53 -23.49 19.45
N VAL B 345 -4.24 -23.24 19.60
CA VAL B 345 -3.60 -23.16 20.91
C VAL B 345 -3.53 -21.70 21.33
N SER B 346 -3.33 -21.49 22.63
CA SER B 346 -3.24 -20.13 23.13
C SER B 346 -1.82 -19.60 22.91
N THR B 347 -1.60 -18.32 23.24
CA THR B 347 -0.25 -17.77 23.17
C THR B 347 0.70 -18.56 24.04
N ALA B 348 0.28 -18.84 25.27
CA ALA B 348 1.06 -19.67 26.17
C ALA B 348 1.40 -21.01 25.52
N GLU B 349 0.38 -21.69 24.99
CA GLU B 349 0.62 -23.02 24.43
C GLU B 349 1.56 -22.98 23.24
N MET B 350 1.54 -21.89 22.46
CA MET B 350 2.52 -21.75 21.37
C MET B 350 3.89 -21.45 21.94
N GLY B 351 3.97 -20.59 22.97
CA GLY B 351 5.24 -20.35 23.62
C GLY B 351 5.91 -21.63 24.09
N THR B 352 5.13 -22.54 24.68
CA THR B 352 5.71 -23.76 25.23
C THR B 352 6.15 -24.72 24.14
N LEU B 353 5.26 -25.02 23.18
CA LEU B 353 5.62 -25.91 22.09
C LEU B 353 6.93 -25.48 21.47
N ILE B 354 7.16 -24.18 21.38
CA ILE B 354 8.38 -23.67 20.77
C ILE B 354 9.54 -23.75 21.74
N THR B 355 9.34 -23.33 22.99
CA THR B 355 10.39 -23.50 24.00
C THR B 355 10.81 -24.96 24.11
N GLN B 356 9.90 -25.88 23.77
CA GLN B 356 10.24 -27.29 23.83
C GLN B 356 11.07 -27.72 22.62
N ALA B 357 10.74 -27.21 21.44
CA ALA B 357 11.57 -27.47 20.26
C ALA B 357 12.98 -26.92 20.40
N ILE B 358 13.26 -26.16 21.46
CA ILE B 358 14.61 -25.73 21.77
C ILE B 358 15.38 -26.90 22.38
PA NAD C . 0.81 -0.17 -14.89
O1A NAD C . 0.89 0.40 -16.25
O2A NAD C . -0.56 -0.10 -14.32
O5B NAD C . 1.28 -1.71 -14.91
C5B NAD C . 1.30 -2.53 -13.76
C4B NAD C . 1.24 -3.99 -14.23
O4B NAD C . -0.10 -4.23 -14.63
C3B NAD C . 2.11 -4.22 -15.46
O3B NAD C . 2.65 -5.53 -15.42
C2B NAD C . 1.13 -4.12 -16.61
O2B NAD C . 1.49 -4.97 -17.68
C1B NAD C . -0.15 -4.62 -15.97
N9A NAD C . -1.32 -4.03 -16.66
C8A NAD C . -1.78 -2.75 -16.53
N7A NAD C . -2.86 -2.61 -17.33
C5A NAD C . -3.10 -3.77 -17.97
C6A NAD C . -4.09 -4.17 -18.87
N6A NAD C . -4.94 -3.29 -19.41
N1A NAD C . -4.05 -5.44 -19.34
C2A NAD C . -3.08 -6.33 -18.92
N3A NAD C . -2.12 -5.96 -18.01
C4A NAD C . -2.13 -4.68 -17.55
O3 NAD C . 1.77 0.59 -13.87
PN NAD C . 3.37 0.80 -13.88
O1N NAD C . 3.69 1.09 -12.47
O2N NAD C . 4.09 -0.25 -14.58
O5D NAD C . 3.50 2.15 -14.72
C5D NAD C . 3.65 2.09 -16.13
C4D NAD C . 3.58 3.50 -16.71
O4D NAD C . 2.24 3.97 -16.59
C3D NAD C . 4.43 4.48 -15.91
O3D NAD C . 4.97 5.41 -16.83
C2D NAD C . 3.42 5.22 -15.07
O2D NAD C . 3.85 6.54 -14.88
C1D NAD C . 2.20 5.23 -15.99
N1N NAD C . 0.90 5.43 -15.33
C2N NAD C . -0.01 6.26 -15.90
C3N NAD C . -1.27 6.43 -15.32
C7N NAD C . -2.31 7.20 -16.09
O7N NAD C . -1.96 7.76 -17.33
N7N NAD C . -3.53 7.34 -15.57
C4N NAD C . -1.60 5.75 -14.15
C5N NAD C . -0.66 4.91 -13.58
C6N NAD C . 0.58 4.75 -14.19
MG MG D . -3.45 3.26 -8.49
MG MG E . 2.81 -0.79 9.87
C01 O45 F . 0.33 8.93 -13.53
C02 O45 F . 0.39 9.50 -12.35
C03 O45 F . 0.14 11.00 -12.29
C04 O45 F . 0.60 8.66 -11.09
C07 O45 F . -2.43 6.82 -10.22
C09 O45 F . -2.82 5.40 -10.02
N06 O45 F . -1.03 7.06 -10.45
O05 O45 F . -0.69 8.41 -10.63
O08 O45 F . -3.33 7.66 -10.21
O10 O45 F . -4.05 5.45 -10.17
O11 O45 F . -2.06 4.39 -9.73
H011 O45 F . 0.19 9.45 -14.29
H012 O45 F . 0.44 8.01 -13.61
H031 O45 F . 0.72 11.40 -11.63
H032 O45 F . -0.78 11.16 -12.05
H033 O45 F . 0.32 11.39 -13.16
H041 O45 F . 1.12 9.15 -10.43
H042 O45 F . 1.06 7.83 -11.30
H061 O45 F . -0.44 6.44 -10.48
PA NAD G . -2.19 -4.13 14.41
O1A NAD G . -2.02 -3.97 15.88
O2A NAD G . -0.97 -4.67 13.78
O5B NAD G . -3.46 -5.08 14.05
C5B NAD G . -3.83 -5.41 12.73
C4B NAD G . -4.60 -6.73 12.67
O4B NAD G . -3.71 -7.83 12.78
C3B NAD G . -5.59 -6.81 13.84
O3B NAD G . -6.77 -7.47 13.45
C2B NAD G . -4.83 -7.63 14.87
O2B NAD G . -5.68 -8.40 15.69
C1B NAD G . -3.92 -8.51 14.02
N9A NAD G . -2.66 -8.83 14.74
C8A NAD G . -1.58 -8.02 14.98
N7A NAD G . -0.64 -8.71 15.66
C5A NAD G . -1.11 -9.97 15.87
C6A NAD G . -0.57 -11.07 16.51
N6A NAD G . 0.59 -11.00 17.19
N1A NAD G . -1.31 -12.24 16.56
C2A NAD G . -2.58 -12.30 15.98
N3A NAD G . -3.10 -11.19 15.35
C4A NAD G . -2.37 -10.05 15.29
O3 NAD G . -2.43 -2.66 13.76
PN NAD G . -3.72 -1.70 13.97
O1N NAD G . -3.79 -0.86 12.75
O2N NAD G . -4.92 -2.49 14.34
O5D NAD G . -3.27 -0.76 15.21
C5D NAD G . -3.71 -1.03 16.52
C4D NAD G . -2.89 -0.28 17.53
O4D NAD G . -1.52 -0.66 17.40
C3D NAD G . -2.94 1.21 17.27
O3D NAD G . -2.98 1.90 18.50
C2D NAD G . -1.63 1.49 16.57
O2D NAD G . -1.22 2.82 16.83
C1D NAD G . -0.72 0.47 17.21
N1N NAD G . 0.49 0.15 16.40
C2N NAD G . 1.71 0.20 17.01
C3N NAD G . 2.87 -0.11 16.32
C7N NAD G . 4.07 -0.56 17.12
O7N NAD G . 4.15 -0.20 18.48
N7N NAD G . 5.01 -1.30 16.53
C4N NAD G . 2.78 -0.47 14.98
C5N NAD G . 1.53 -0.52 14.36
C6N NAD G . 0.38 -0.21 15.09
C01 O45 H . 3.78 3.37 15.80
C02 O45 H . 3.82 4.26 14.82
C03 O45 H . 4.62 5.55 14.97
C04 O45 H . 3.13 3.98 13.49
C07 O45 H . 4.75 1.15 11.96
C09 O45 H . 4.04 0.01 11.35
N06 O45 H . 3.79 2.18 12.24
O05 O45 H . 4.18 3.40 12.78
O08 O45 H . 5.93 1.12 12.11
O10 O45 H . 4.72 -1.00 11.01
O11 O45 H . 2.79 0.20 11.18
H011 O45 H . 4.20 3.54 16.60
H012 O45 H . 3.31 2.57 15.68
H031 O45 H . 4.49 6.11 14.18
H032 O45 H . 5.57 5.33 15.05
H033 O45 H . 4.32 6.02 15.76
H041 O45 H . 2.82 4.79 13.07
H042 O45 H . 2.38 3.37 13.59
H061 O45 H . 2.95 2.05 12.08
#